data_8RTE
#
_entry.id   8RTE
#
_cell.length_a   65.300
_cell.length_b   80.307
_cell.length_c   91.707
_cell.angle_alpha   90.000
_cell.angle_beta   100.680
_cell.angle_gamma   90.000
#
_symmetry.space_group_name_H-M   'P 1 21 1'
#
loop_
_entity.id
_entity.type
_entity.pdbx_description
1 polymer Rap105
2 polymer 'Peptide ERPVGT'
3 water water
#
loop_
_entity_poly.entity_id
_entity_poly.type
_entity_poly.pdbx_seq_one_letter_code
_entity_poly.pdbx_strand_id
1 'polypeptide(L)'
;MSKLASECVANILNDWYIAIKQQDAESAERYFEEVKPLFDEMEEDQEVLMYYSLLEERHKMLLYQVKGEELPPHSYFNEN
HAEEIKKTDHMIEYYFFLFEALYESHKRNFEKAITLFKIAEKKLKDIPDCIERAEFYSKVASMYMMLRQSLISLNYINDS
IQIYRENEGYKRKLATSLMIVGQNYTDLGLYEKAEESFLEAIRISRVLHDSLFTALIHHNLSITYSAANRSQDCINALKK
AIRNKEWRDSVYYINSLYMFLKELYKIGDVNKMPYYYKKTKEYFKRKENKVYEAKINIIYGLLQQDQRKSIETCRGGISY
LYEVNDLDSVFDLSLVISEHCEKHGLYKEALEFSKHAILAEEKMRHLEGL
;
A,B
2 'polypeptide(L)' ERPVGT D,E
#
# COMPACT_ATOMS: atom_id res chain seq x y z
N VAL A 9 -4.36 -26.66 -36.49
CA VAL A 9 -4.23 -25.24 -36.21
C VAL A 9 -4.23 -25.01 -34.71
N ALA A 10 -5.18 -25.67 -34.02
CA ALA A 10 -5.31 -25.51 -32.58
C ALA A 10 -4.03 -25.88 -31.85
N ASN A 11 -3.35 -26.94 -32.30
CA ASN A 11 -2.08 -27.29 -31.66
C ASN A 11 -1.00 -26.25 -31.94
N ILE A 12 -0.98 -25.71 -33.16
CA ILE A 12 -0.05 -24.63 -33.48
C ILE A 12 -0.32 -23.41 -32.61
N LEU A 13 -1.61 -23.08 -32.42
CA LEU A 13 -1.98 -21.95 -31.59
C LEU A 13 -1.54 -22.13 -30.14
N ASN A 14 -1.75 -23.32 -29.57
CA ASN A 14 -1.33 -23.54 -28.19
C ASN A 14 0.18 -23.54 -28.06
N ASP A 15 0.89 -24.12 -29.03
CA ASP A 15 2.35 -24.01 -29.05
C ASP A 15 2.77 -22.55 -29.17
N TRP A 16 2.08 -21.78 -30.01
CA TRP A 16 2.37 -20.36 -30.13
C TRP A 16 2.17 -19.65 -28.80
N TYR A 17 1.09 -19.98 -28.08
CA TYR A 17 0.84 -19.38 -26.78
C TYR A 17 1.83 -19.85 -25.73
N ILE A 18 2.24 -21.12 -25.79
CA ILE A 18 3.27 -21.62 -24.87
C ILE A 18 4.55 -20.82 -25.03
N ALA A 19 4.96 -20.55 -26.28
CA ALA A 19 6.17 -19.77 -26.49
C ALA A 19 6.04 -18.37 -25.91
N ILE A 20 4.84 -17.80 -25.92
CA ILE A 20 4.60 -16.52 -25.26
C ILE A 20 4.77 -16.65 -23.76
N LYS A 21 4.25 -17.74 -23.17
CA LYS A 21 4.39 -17.93 -21.72
C LYS A 21 5.83 -18.21 -21.32
N GLN A 22 6.68 -18.59 -22.26
CA GLN A 22 8.12 -18.73 -22.01
C GLN A 22 8.89 -17.47 -22.41
N GLN A 23 8.19 -16.45 -22.92
CA GLN A 23 8.82 -15.24 -23.45
C GLN A 23 9.85 -15.58 -24.53
N ASP A 24 9.62 -16.69 -25.23
CA ASP A 24 10.44 -17.08 -26.38
C ASP A 24 9.93 -16.29 -27.57
N ALA A 25 10.52 -15.11 -27.76
CA ALA A 25 10.05 -14.22 -28.83
C ALA A 25 10.37 -14.78 -30.21
N GLU A 26 11.48 -15.52 -30.34
CA GLU A 26 11.84 -16.07 -31.63
C GLU A 26 10.87 -17.18 -32.06
N SER A 27 10.57 -18.11 -31.15
CA SER A 27 9.56 -19.13 -31.44
C SER A 27 8.20 -18.49 -31.70
N ALA A 28 7.78 -17.58 -30.82
CA ALA A 28 6.50 -16.90 -31.00
C ALA A 28 6.43 -16.23 -32.37
N GLU A 29 7.50 -15.57 -32.78
CA GLU A 29 7.52 -14.90 -34.08
C GLU A 29 7.46 -15.91 -35.23
N ARG A 30 8.02 -17.11 -35.04
CA ARG A 30 7.94 -18.14 -36.07
C ARG A 30 6.56 -18.78 -36.13
N TYR A 31 5.95 -19.03 -34.97
CA TYR A 31 4.58 -19.56 -34.96
C TYR A 31 3.63 -18.59 -35.63
N PHE A 32 3.75 -17.30 -35.32
CA PHE A 32 2.89 -16.28 -35.90
C PHE A 32 3.01 -16.27 -37.43
N GLU A 33 4.22 -16.40 -37.94
CA GLU A 33 4.42 -16.40 -39.39
C GLU A 33 3.90 -17.68 -40.01
N GLU A 34 3.91 -18.79 -39.27
CA GLU A 34 3.46 -20.06 -39.80
C GLU A 34 1.94 -20.17 -39.82
N VAL A 35 1.25 -19.56 -38.85
CA VAL A 35 -0.20 -19.66 -38.75
C VAL A 35 -0.93 -18.59 -39.55
N LYS A 36 -0.25 -17.52 -39.97
CA LYS A 36 -0.91 -16.44 -40.71
C LYS A 36 -1.75 -16.95 -41.89
N PRO A 37 -1.30 -17.95 -42.67
CA PRO A 37 -2.24 -18.54 -43.63
C PRO A 37 -3.45 -19.19 -42.94
N ASP A 45 -13.62 -19.82 -40.26
CA ASP A 45 -14.51 -18.84 -39.63
C ASP A 45 -15.27 -19.47 -38.47
N GLN A 46 -14.60 -19.58 -37.33
CA GLN A 46 -15.15 -20.30 -36.18
C GLN A 46 -14.79 -19.53 -34.91
N GLU A 47 -14.98 -20.19 -33.76
CA GLU A 47 -14.54 -19.64 -32.49
C GLU A 47 -13.02 -19.51 -32.43
N VAL A 48 -12.32 -20.34 -33.20
CA VAL A 48 -10.86 -20.28 -33.28
C VAL A 48 -10.42 -18.94 -33.86
N LEU A 49 -11.26 -18.29 -34.67
CA LEU A 49 -10.91 -16.97 -35.17
C LEU A 49 -10.74 -16.00 -34.01
N MET A 50 -11.57 -16.15 -32.98
CA MET A 50 -11.37 -15.37 -31.77
C MET A 50 -10.07 -15.78 -31.09
N TYR A 51 -9.81 -17.09 -31.01
CA TYR A 51 -8.56 -17.58 -30.45
C TYR A 51 -7.36 -17.00 -31.17
N TYR A 52 -7.39 -17.00 -32.52
CA TYR A 52 -6.27 -16.44 -33.26
C TYR A 52 -6.15 -14.93 -33.07
N SER A 53 -7.27 -14.23 -33.04
CA SER A 53 -7.23 -12.79 -32.82
C SER A 53 -6.78 -12.46 -31.40
N LEU A 54 -7.15 -13.32 -30.44
CA LEU A 54 -6.68 -13.12 -29.08
C LEU A 54 -5.17 -13.33 -28.97
N LEU A 55 -4.65 -14.35 -29.68
CA LEU A 55 -3.22 -14.63 -29.63
C LEU A 55 -2.41 -13.61 -30.41
N GLU A 56 -3.00 -13.00 -31.45
CA GLU A 56 -2.29 -11.97 -32.19
C GLU A 56 -2.06 -10.73 -31.33
N GLU A 57 -3.05 -10.38 -30.51
CA GLU A 57 -2.88 -9.29 -29.54
C GLU A 57 -1.80 -9.64 -28.52
N ARG A 58 -1.91 -10.82 -27.90
CA ARG A 58 -0.94 -11.23 -26.88
C ARG A 58 0.49 -11.23 -27.44
N HIS A 59 0.65 -11.68 -28.68
CA HIS A 59 1.97 -11.71 -29.31
C HIS A 59 2.55 -10.32 -29.46
N LYS A 60 1.73 -9.34 -29.88
CA LYS A 60 2.20 -7.96 -29.98
C LYS A 60 2.56 -7.41 -28.61
N MET A 61 1.80 -7.77 -27.58
CA MET A 61 2.13 -7.32 -26.23
C MET A 61 3.46 -7.93 -25.77
N LEU A 62 3.73 -9.18 -26.17
CA LEU A 62 5.02 -9.79 -25.86
C LEU A 62 6.15 -9.04 -26.56
N LEU A 63 6.01 -8.80 -27.87
CA LEU A 63 7.04 -8.09 -28.61
C LEU A 63 7.26 -6.69 -28.06
N TYR A 64 6.19 -6.04 -27.59
CA TYR A 64 6.37 -4.76 -26.92
C TYR A 64 7.12 -4.95 -25.62
N GLN A 65 6.72 -5.95 -24.84
CA GLN A 65 7.31 -6.20 -23.52
C GLN A 65 8.80 -6.48 -23.62
N VAL A 66 9.20 -7.31 -24.58
CA VAL A 66 10.51 -7.95 -24.57
C VAL A 66 11.46 -7.31 -25.58
N LYS A 67 10.97 -6.90 -26.74
CA LYS A 67 11.81 -6.24 -27.73
C LYS A 67 11.61 -4.73 -27.80
N GLY A 68 10.62 -4.19 -27.07
CA GLY A 68 10.31 -2.78 -27.20
C GLY A 68 9.80 -2.40 -28.57
N GLU A 69 9.11 -3.31 -29.25
CA GLU A 69 8.50 -2.98 -30.53
C GLU A 69 7.15 -2.31 -30.28
N GLU A 70 6.86 -1.27 -31.08
CA GLU A 70 5.66 -0.49 -30.85
C GLU A 70 4.41 -1.35 -30.92
N LEU A 71 3.44 -1.00 -30.11
CA LEU A 71 2.15 -1.64 -30.12
C LEU A 71 1.33 -1.13 -31.31
N PRO A 72 0.60 -2.01 -31.99
CA PRO A 72 -0.19 -1.56 -33.14
C PRO A 72 -1.18 -0.48 -32.72
N PRO A 73 -1.50 0.44 -33.62
CA PRO A 73 -2.46 1.50 -33.28
C PRO A 73 -3.85 0.94 -33.02
N HIS A 74 -4.31 0.04 -33.89
CA HIS A 74 -5.61 -0.61 -33.73
C HIS A 74 -5.44 -1.91 -32.96
N SER A 75 -6.19 -2.04 -31.86
CA SER A 75 -6.23 -3.28 -31.10
C SER A 75 -7.55 -4.00 -31.34
N TYR A 76 -7.49 -5.34 -31.29
CA TYR A 76 -8.69 -6.15 -31.36
C TYR A 76 -9.68 -5.82 -30.24
N PHE A 77 -9.21 -5.15 -29.19
CA PHE A 77 -10.05 -4.89 -28.02
C PHE A 77 -10.79 -3.56 -28.06
N ASN A 78 -10.22 -2.53 -28.70
CA ASN A 78 -10.85 -1.21 -28.66
C ASN A 78 -12.26 -1.20 -29.24
N GLU A 79 -12.48 -1.92 -30.32
CA GLU A 79 -13.76 -1.91 -31.01
C GLU A 79 -14.21 -3.34 -31.29
N ASN A 80 -14.57 -4.06 -30.23
CA ASN A 80 -15.16 -5.40 -30.40
C ASN A 80 -16.55 -5.43 -29.78
N HIS A 81 -17.06 -6.62 -29.45
CA HIS A 81 -18.39 -6.79 -28.89
C HIS A 81 -18.37 -7.47 -27.52
N LYS A 87 -21.18 -16.85 -25.41
CA LYS A 87 -20.29 -17.65 -24.60
C LYS A 87 -19.44 -18.59 -25.47
N THR A 88 -18.28 -19.00 -24.94
CA THR A 88 -17.39 -19.92 -25.64
C THR A 88 -16.70 -20.83 -24.62
N ASP A 89 -15.66 -21.53 -25.08
CA ASP A 89 -14.78 -22.33 -24.24
C ASP A 89 -14.30 -21.53 -23.03
N HIS A 90 -14.30 -22.17 -21.87
CA HIS A 90 -13.84 -21.54 -20.64
C HIS A 90 -12.41 -21.02 -20.76
N MET A 91 -11.62 -21.55 -21.69
CA MET A 91 -10.27 -21.04 -21.93
C MET A 91 -10.29 -19.73 -22.70
N ILE A 92 -11.06 -19.67 -23.80
CA ILE A 92 -11.07 -18.49 -24.65
C ILE A 92 -11.61 -17.27 -23.88
N GLU A 93 -12.47 -17.51 -22.90
CA GLU A 93 -12.98 -16.42 -22.08
C GLU A 93 -11.94 -15.96 -21.05
N TYR A 94 -11.25 -16.90 -20.42
CA TYR A 94 -10.13 -16.53 -19.55
C TYR A 94 -9.09 -15.72 -20.31
N TYR A 95 -8.75 -16.15 -21.52
CA TYR A 95 -7.79 -15.40 -22.33
C TYR A 95 -8.31 -14.02 -22.69
N PHE A 96 -9.59 -13.91 -23.05
CA PHE A 96 -10.16 -12.61 -23.41
C PHE A 96 -10.06 -11.63 -22.25
N PHE A 97 -10.37 -12.09 -21.04
CA PHE A 97 -10.34 -11.18 -19.89
C PHE A 97 -8.92 -10.90 -19.43
N LEU A 98 -8.04 -11.91 -19.47
CA LEU A 98 -6.65 -11.69 -19.11
C LEU A 98 -5.97 -10.75 -20.10
N PHE A 99 -6.13 -11.01 -21.39
CA PHE A 99 -5.46 -10.22 -22.42
C PHE A 99 -6.02 -8.81 -22.49
N GLU A 100 -7.30 -8.63 -22.17
CA GLU A 100 -7.85 -7.28 -22.09
C GLU A 100 -7.40 -6.59 -20.80
N ALA A 101 -7.26 -7.34 -19.71
CA ALA A 101 -6.66 -6.76 -18.51
C ALA A 101 -5.26 -6.23 -18.80
N LEU A 102 -4.49 -6.95 -19.63
CA LEU A 102 -3.17 -6.46 -20.02
C LEU A 102 -3.29 -5.20 -20.87
N TYR A 103 -4.28 -5.16 -21.77
CA TYR A 103 -4.47 -4.00 -22.61
C TYR A 103 -4.87 -2.77 -21.80
N GLU A 104 -5.77 -2.94 -20.83
CA GLU A 104 -6.16 -1.81 -19.99
C GLU A 104 -5.07 -1.44 -19.01
N SER A 105 -4.28 -2.42 -18.55
CA SER A 105 -3.17 -2.12 -17.65
C SER A 105 -2.13 -1.22 -18.32
N HIS A 106 -1.81 -1.51 -19.59
CA HIS A 106 -0.79 -0.70 -20.26
C HIS A 106 -1.29 0.71 -20.55
N LYS A 107 -2.60 0.88 -20.73
CA LYS A 107 -3.15 2.21 -20.94
C LYS A 107 -3.38 2.95 -19.65
N ARG A 108 -2.89 2.42 -18.53
CA ARG A 108 -3.06 2.99 -17.19
C ARG A 108 -4.53 3.14 -16.80
N ASN A 109 -5.41 2.37 -17.44
CA ASN A 109 -6.80 2.27 -16.99
C ASN A 109 -6.89 1.11 -16.00
N PHE A 110 -6.28 1.34 -14.83
CA PHE A 110 -6.07 0.26 -13.87
C PHE A 110 -7.38 -0.18 -13.23
N GLU A 111 -8.36 0.73 -13.11
CA GLU A 111 -9.67 0.35 -12.61
C GLU A 111 -10.27 -0.77 -13.46
N LYS A 112 -10.31 -0.57 -14.77
CA LYS A 112 -10.82 -1.60 -15.66
C LYS A 112 -9.93 -2.83 -15.61
N ALA A 113 -8.60 -2.65 -15.63
CA ALA A 113 -7.69 -3.79 -15.55
C ALA A 113 -7.97 -4.67 -14.35
N ILE A 114 -8.12 -4.07 -13.16
CA ILE A 114 -8.37 -4.84 -11.95
C ILE A 114 -9.68 -5.62 -12.06
N THR A 115 -10.73 -4.99 -12.60
CA THR A 115 -12.00 -5.67 -12.80
C THR A 115 -11.83 -6.86 -13.75
N LEU A 116 -11.19 -6.61 -14.91
CA LEU A 116 -10.98 -7.68 -15.87
C LEU A 116 -10.10 -8.78 -15.29
N PHE A 117 -9.17 -8.43 -14.40
CA PHE A 117 -8.33 -9.43 -13.75
C PHE A 117 -9.13 -10.33 -12.82
N LYS A 118 -10.04 -9.74 -12.04
CA LYS A 118 -10.82 -10.54 -11.10
C LYS A 118 -11.68 -11.57 -11.82
N ILE A 119 -12.20 -11.20 -12.99
CA ILE A 119 -12.98 -12.16 -13.79
C ILE A 119 -12.09 -13.30 -14.26
N ALA A 120 -10.91 -12.98 -14.78
CA ALA A 120 -9.97 -14.00 -15.23
C ALA A 120 -9.51 -14.89 -14.08
N GLU A 121 -9.31 -14.31 -12.90
CA GLU A 121 -8.90 -15.09 -11.75
C GLU A 121 -9.92 -16.17 -11.41
N LYS A 122 -11.22 -15.83 -11.49
CA LYS A 122 -12.26 -16.81 -11.22
C LYS A 122 -12.24 -17.94 -12.23
N LYS A 123 -12.19 -17.61 -13.53
CA LYS A 123 -12.13 -18.64 -14.56
C LYS A 123 -10.85 -19.47 -14.44
N LEU A 124 -9.75 -18.85 -13.97
CA LEU A 124 -8.52 -19.59 -13.78
C LEU A 124 -8.65 -20.68 -12.72
N LYS A 125 -9.58 -20.50 -11.78
CA LYS A 125 -9.84 -21.53 -10.78
C LYS A 125 -10.23 -22.86 -11.41
N ASP A 126 -10.73 -22.85 -12.64
CA ASP A 126 -11.08 -24.07 -13.37
C ASP A 126 -10.07 -24.43 -14.46
N ILE A 127 -8.91 -23.77 -14.48
CA ILE A 127 -7.79 -24.12 -15.36
C ILE A 127 -6.68 -24.72 -14.51
N PRO A 128 -6.31 -25.98 -14.74
CA PRO A 128 -5.36 -26.66 -13.85
C PRO A 128 -3.88 -26.51 -14.20
N ASP A 129 -3.52 -25.78 -15.26
CA ASP A 129 -2.11 -25.60 -15.61
C ASP A 129 -1.38 -24.72 -14.61
N CYS A 130 -0.34 -25.25 -13.96
CA CYS A 130 0.43 -24.46 -13.01
C CYS A 130 1.17 -23.32 -13.70
N ILE A 131 1.66 -23.55 -14.93
CA ILE A 131 2.35 -22.50 -15.67
C ILE A 131 1.38 -21.38 -16.01
N GLU A 132 0.15 -21.73 -16.38
CA GLU A 132 -0.88 -20.71 -16.61
C GLU A 132 -1.12 -19.89 -15.36
N ARG A 133 -1.12 -20.55 -14.19
CA ARG A 133 -1.25 -19.84 -12.92
C ARG A 133 -0.07 -18.88 -12.71
N ALA A 134 1.15 -19.36 -12.96
CA ALA A 134 2.32 -18.49 -12.85
C ALA A 134 2.22 -17.33 -13.84
N GLU A 135 1.70 -17.59 -15.04
CA GLU A 135 1.52 -16.53 -16.02
C GLU A 135 0.56 -15.47 -15.52
N PHE A 136 -0.59 -15.90 -14.98
CA PHE A 136 -1.59 -14.98 -14.46
C PHE A 136 -1.03 -14.15 -13.30
N TYR A 137 -0.54 -14.83 -12.27
CA TYR A 137 -0.01 -14.13 -11.10
C TYR A 137 1.05 -13.10 -11.48
N SER A 138 1.87 -13.42 -12.48
CA SER A 138 2.96 -12.52 -12.86
C SER A 138 2.45 -11.26 -13.55
N LYS A 139 1.30 -11.34 -14.22
CA LYS A 139 0.72 -10.15 -14.83
C LYS A 139 -0.02 -9.31 -13.79
N VAL A 140 -0.68 -9.96 -12.84
CA VAL A 140 -1.31 -9.24 -11.74
C VAL A 140 -0.25 -8.55 -10.88
N ALA A 141 0.85 -9.26 -10.61
CA ALA A 141 1.92 -8.70 -9.79
C ALA A 141 2.54 -7.48 -10.47
N SER A 142 2.71 -7.55 -11.79
CA SER A 142 3.26 -6.41 -12.52
C SER A 142 2.38 -5.19 -12.40
N MET A 143 1.06 -5.37 -12.51
CA MET A 143 0.16 -4.23 -12.40
C MET A 143 0.21 -3.60 -11.01
N TYR A 144 0.16 -4.42 -9.96
CA TYR A 144 0.20 -3.88 -8.61
C TYR A 144 1.53 -3.16 -8.36
N MET A 145 2.62 -3.63 -8.95
CA MET A 145 3.90 -2.91 -8.78
C MET A 145 3.81 -1.54 -9.45
N MET A 146 3.08 -1.45 -10.55
CA MET A 146 2.93 -0.14 -11.19
CA MET A 146 2.90 -0.15 -11.21
C MET A 146 2.21 0.85 -10.30
N LEU A 147 1.32 0.37 -9.43
CA LEU A 147 0.64 1.19 -8.44
C LEU A 147 1.42 1.30 -7.13
N ARG A 148 2.65 0.80 -7.10
CA ARG A 148 3.46 0.73 -5.88
C ARG A 148 2.72 -0.02 -4.77
N GLN A 149 1.87 -0.97 -5.17
CA GLN A 149 1.21 -1.89 -4.24
C GLN A 149 2.16 -3.05 -4.03
N SER A 150 3.17 -2.81 -3.18
CA SER A 150 4.36 -3.64 -3.18
C SER A 150 4.11 -5.01 -2.53
N LEU A 151 3.43 -5.03 -1.37
CA LEU A 151 3.24 -6.29 -0.67
C LEU A 151 2.32 -7.23 -1.45
N ILE A 152 1.22 -6.69 -1.98
CA ILE A 152 0.32 -7.49 -2.81
C ILE A 152 1.06 -8.04 -4.03
N SER A 153 1.83 -7.16 -4.69
CA SER A 153 2.60 -7.60 -5.85
C SER A 153 3.59 -8.71 -5.48
N LEU A 154 4.20 -8.61 -4.30
CA LEU A 154 5.17 -9.61 -3.90
C LEU A 154 4.50 -10.96 -3.64
N ASN A 155 3.35 -10.96 -2.97
CA ASN A 155 2.62 -12.20 -2.75
C ASN A 155 2.32 -12.92 -4.05
N TYR A 156 1.87 -12.17 -5.07
CA TYR A 156 1.57 -12.77 -6.36
C TYR A 156 2.83 -13.29 -7.05
N ILE A 157 3.85 -12.44 -7.19
CA ILE A 157 5.03 -12.81 -7.96
C ILE A 157 5.81 -13.93 -7.29
N ASN A 158 5.82 -13.97 -5.95
CA ASN A 158 6.55 -15.01 -5.25
C ASN A 158 5.99 -16.40 -5.55
N ASP A 159 4.68 -16.49 -5.77
CA ASP A 159 4.08 -17.75 -6.18
C ASP A 159 4.47 -18.11 -7.60
N SER A 160 4.46 -17.14 -8.51
CA SER A 160 4.90 -17.37 -9.88
C SER A 160 6.36 -17.83 -9.91
N ILE A 161 7.20 -17.23 -9.07
CA ILE A 161 8.62 -17.55 -9.08
C ILE A 161 8.84 -19.00 -8.68
N GLN A 162 8.15 -19.46 -7.64
CA GLN A 162 8.25 -20.87 -7.25
C GLN A 162 7.89 -21.80 -8.40
N ILE A 163 6.79 -21.54 -9.09
CA ILE A 163 6.40 -22.38 -10.22
C ILE A 163 7.48 -22.35 -11.29
N TYR A 164 7.96 -21.15 -11.64
CA TYR A 164 9.00 -21.03 -12.66
C TYR A 164 10.30 -21.69 -12.20
N ARG A 165 10.62 -21.58 -10.91
CA ARG A 165 11.86 -22.13 -10.38
C ARG A 165 11.88 -23.65 -10.40
N GLU A 166 10.72 -24.30 -10.38
CA GLU A 166 10.61 -25.76 -10.40
C GLU A 166 10.32 -26.33 -11.78
N ASN A 167 10.32 -25.50 -12.83
CA ASN A 167 9.98 -25.92 -14.18
C ASN A 167 11.05 -25.48 -15.17
N GLU A 168 11.30 -26.33 -16.17
CA GLU A 168 12.34 -26.10 -17.15
C GLU A 168 11.80 -25.29 -18.33
N GLY A 169 12.63 -24.37 -18.82
CA GLY A 169 12.25 -23.54 -19.95
C GLY A 169 11.75 -22.16 -19.60
N TYR A 170 11.71 -21.81 -18.31
CA TYR A 170 11.13 -20.57 -17.84
C TYR A 170 12.18 -19.71 -17.16
N LYS A 171 13.39 -19.71 -17.71
CA LYS A 171 14.47 -18.89 -17.16
C LYS A 171 14.21 -17.41 -17.42
N ARG A 172 13.69 -17.09 -18.61
CA ARG A 172 13.34 -15.71 -18.90
C ARG A 172 12.22 -15.20 -18.00
N LYS A 173 11.26 -16.06 -17.67
CA LYS A 173 10.17 -15.63 -16.80
C LYS A 173 10.67 -15.45 -15.37
N LEU A 174 11.59 -16.31 -14.92
CA LEU A 174 12.21 -16.12 -13.61
C LEU A 174 12.95 -14.78 -13.55
N ALA A 175 13.72 -14.47 -14.59
CA ALA A 175 14.45 -13.21 -14.63
C ALA A 175 13.49 -12.03 -14.61
N THR A 176 12.51 -12.04 -15.52
CA THR A 176 11.50 -10.98 -15.54
C THR A 176 10.83 -10.81 -14.19
N SER A 177 10.48 -11.91 -13.54
CA SER A 177 9.82 -11.85 -12.23
C SER A 177 10.71 -11.21 -11.18
N LEU A 178 12.01 -11.53 -11.21
CA LEU A 178 12.94 -10.94 -10.26
C LEU A 178 13.00 -9.41 -10.40
N MET A 179 12.76 -8.89 -11.60
CA MET A 179 12.70 -7.44 -11.77
C MET A 179 11.47 -6.87 -11.06
N ILE A 180 10.35 -7.60 -11.07
CA ILE A 180 9.17 -7.15 -10.34
C ILE A 180 9.44 -7.19 -8.84
N VAL A 181 10.06 -8.26 -8.35
CA VAL A 181 10.48 -8.34 -6.95
C VAL A 181 11.40 -7.16 -6.62
N GLY A 182 12.42 -6.94 -7.45
CA GLY A 182 13.38 -5.89 -7.17
C GLY A 182 12.72 -4.52 -7.12
N GLN A 183 11.85 -4.21 -8.08
CA GLN A 183 11.14 -2.95 -8.04
C GLN A 183 10.28 -2.84 -6.79
N ASN A 184 9.61 -3.92 -6.41
CA ASN A 184 8.83 -3.90 -5.17
C ASN A 184 9.70 -3.58 -3.97
N TYR A 185 10.89 -4.18 -3.90
CA TYR A 185 11.81 -3.88 -2.81
C TYR A 185 12.23 -2.42 -2.81
N THR A 186 12.52 -1.86 -3.98
CA THR A 186 12.89 -0.45 -4.06
C THR A 186 11.74 0.43 -3.57
N ASP A 187 10.50 0.08 -3.93
CA ASP A 187 9.34 0.79 -3.40
C ASP A 187 9.19 0.63 -1.88
N LEU A 188 9.81 -0.38 -1.30
CA LEU A 188 9.76 -0.62 0.14
C LEU A 188 11.01 -0.10 0.86
N GLY A 189 11.86 0.65 0.18
CA GLY A 189 13.08 1.14 0.78
C GLY A 189 14.14 0.09 1.05
N LEU A 190 14.03 -1.07 0.42
CA LEU A 190 14.98 -2.18 0.60
C LEU A 190 15.89 -2.25 -0.62
N TYR A 191 16.81 -1.28 -0.72
CA TYR A 191 17.57 -1.09 -1.95
C TYR A 191 18.61 -2.18 -2.15
N GLU A 192 19.23 -2.66 -1.08
CA GLU A 192 20.19 -3.75 -1.21
C GLU A 192 19.52 -5.03 -1.71
N LYS A 193 18.38 -5.39 -1.11
CA LYS A 193 17.64 -6.56 -1.58
C LYS A 193 17.15 -6.36 -3.01
N ALA A 194 16.79 -5.13 -3.36
CA ALA A 194 16.35 -4.85 -4.72
C ALA A 194 17.49 -5.04 -5.71
N GLU A 195 18.70 -4.61 -5.34
CA GLU A 195 19.86 -4.80 -6.21
C GLU A 195 20.14 -6.29 -6.41
N GLU A 196 20.08 -7.06 -5.33
CA GLU A 196 20.32 -8.50 -5.42
C GLU A 196 19.41 -9.15 -6.45
N SER A 197 18.12 -8.78 -6.43
CA SER A 197 17.15 -9.35 -7.36
C SER A 197 17.53 -9.06 -8.80
N PHE A 198 17.89 -7.80 -9.09
CA PHE A 198 18.26 -7.43 -10.46
C PHE A 198 19.54 -8.13 -10.88
N LEU A 199 20.51 -8.25 -9.97
CA LEU A 199 21.76 -8.92 -10.32
C LEU A 199 21.52 -10.39 -10.65
N GLU A 200 20.69 -11.07 -9.86
CA GLU A 200 20.31 -12.45 -10.18
C GLU A 200 19.65 -12.52 -11.55
N ALA A 201 18.80 -11.54 -11.86
CA ALA A 201 18.18 -11.48 -13.19
C ALA A 201 19.22 -11.26 -14.28
N ILE A 202 20.23 -10.42 -14.02
CA ILE A 202 21.25 -10.16 -15.03
C ILE A 202 22.06 -11.42 -15.31
N ARG A 203 22.49 -12.11 -14.25
CA ARG A 203 23.19 -13.39 -14.44
C ARG A 203 22.41 -14.34 -15.33
N ILE A 204 21.09 -14.44 -15.09
CA ILE A 204 20.25 -15.31 -15.92
C ILE A 204 20.33 -14.90 -17.38
N SER A 205 20.27 -13.59 -17.65
CA SER A 205 20.28 -13.15 -19.05
C SER A 205 21.64 -13.37 -19.69
N ARG A 206 22.72 -13.33 -18.91
CA ARG A 206 24.04 -13.63 -19.46
C ARG A 206 24.20 -15.13 -19.72
N VAL A 207 23.70 -15.96 -18.80
CA VAL A 207 23.60 -17.39 -19.06
C VAL A 207 22.82 -17.65 -20.33
N LEU A 208 21.70 -16.95 -20.51
CA LEU A 208 20.87 -17.08 -21.70
C LEU A 208 21.52 -16.52 -22.96
N HIS A 209 22.62 -15.76 -22.84
CA HIS A 209 23.25 -15.09 -23.99
C HIS A 209 22.27 -14.16 -24.69
N ASP A 210 21.45 -13.48 -23.90
CA ASP A 210 20.42 -12.57 -24.40
C ASP A 210 20.86 -11.14 -24.06
N SER A 211 21.60 -10.53 -24.98
CA SER A 211 22.21 -9.22 -24.69
C SER A 211 21.17 -8.10 -24.67
N LEU A 212 20.07 -8.25 -25.41
CA LEU A 212 18.99 -7.27 -25.30
C LEU A 212 18.36 -7.29 -23.91
N PHE A 213 18.07 -8.49 -23.40
CA PHE A 213 17.50 -8.63 -22.07
C PHE A 213 18.44 -8.06 -21.00
N THR A 214 19.74 -8.30 -21.15
CA THR A 214 20.70 -7.73 -20.21
C THR A 214 20.64 -6.21 -20.21
N ALA A 215 20.54 -5.60 -21.40
CA ALA A 215 20.38 -4.15 -21.46
C ALA A 215 19.09 -3.72 -20.77
N LEU A 216 17.99 -4.43 -21.03
CA LEU A 216 16.71 -4.07 -20.41
C LEU A 216 16.78 -4.13 -18.89
N ILE A 217 17.43 -5.17 -18.34
CA ILE A 217 17.49 -5.30 -16.88
C ILE A 217 18.37 -4.22 -16.28
N HIS A 218 19.46 -3.86 -16.97
CA HIS A 218 20.32 -2.79 -16.50
C HIS A 218 19.56 -1.47 -16.43
N HIS A 219 18.75 -1.17 -17.46
CA HIS A 219 17.92 0.03 -17.40
C HIS A 219 17.04 0.03 -16.16
N ASN A 220 16.36 -1.08 -15.88
CA ASN A 220 15.47 -1.13 -14.73
C ASN A 220 16.25 -1.06 -13.42
N LEU A 221 17.41 -1.72 -13.37
CA LEU A 221 18.28 -1.60 -12.22
C LEU A 221 18.67 -0.15 -11.97
N SER A 222 18.89 0.62 -13.03
CA SER A 222 19.26 2.02 -12.88
C SER A 222 18.20 2.80 -12.10
N ILE A 223 16.94 2.38 -12.16
CA ILE A 223 15.89 3.01 -11.36
C ILE A 223 16.16 2.79 -9.88
N THR A 224 16.61 1.59 -9.52
CA THR A 224 16.90 1.28 -8.12
C THR A 224 18.08 2.10 -7.62
N TYR A 225 19.16 2.18 -8.42
CA TYR A 225 20.30 3.00 -8.03
C TYR A 225 19.91 4.45 -7.82
N SER A 226 19.12 5.00 -8.76
CA SER A 226 18.66 6.37 -8.61
C SER A 226 17.87 6.56 -7.32
N ALA A 227 16.98 5.62 -7.01
CA ALA A 227 16.21 5.70 -5.78
C ALA A 227 17.10 5.58 -4.55
N ALA A 228 18.24 4.92 -4.67
CA ALA A 228 19.18 4.75 -3.57
C ALA A 228 20.23 5.86 -3.51
N ASN A 229 20.08 6.91 -4.31
CA ASN A 229 21.05 8.00 -4.39
C ASN A 229 22.45 7.48 -4.78
N ARG A 230 22.50 6.34 -5.48
CA ARG A 230 23.74 5.81 -6.03
C ARG A 230 23.82 6.27 -7.48
N SER A 231 24.16 7.55 -7.65
CA SER A 231 24.01 8.19 -8.96
C SER A 231 25.02 7.63 -9.96
N GLN A 232 26.25 7.39 -9.52
CA GLN A 232 27.26 6.93 -10.45
C GLN A 232 26.97 5.49 -10.89
N ASP A 233 26.48 4.66 -9.97
CA ASP A 233 25.99 3.34 -10.35
C ASP A 233 24.82 3.45 -11.31
N CYS A 234 23.91 4.41 -11.07
CA CYS A 234 22.78 4.60 -11.97
C CYS A 234 23.24 4.91 -13.39
N ILE A 235 24.18 5.85 -13.52
CA ILE A 235 24.67 6.24 -14.83
C ILE A 235 25.40 5.08 -15.49
N ASN A 236 26.19 4.33 -14.72
CA ASN A 236 26.92 3.19 -15.27
C ASN A 236 25.96 2.13 -15.79
N ALA A 237 24.87 1.87 -15.07
CA ALA A 237 23.88 0.90 -15.54
C ALA A 237 23.21 1.39 -16.83
N LEU A 238 22.87 2.68 -16.90
CA LEU A 238 22.26 3.22 -18.11
C LEU A 238 23.20 3.15 -19.30
N LYS A 239 24.50 3.39 -19.08
CA LYS A 239 25.48 3.28 -20.15
C LYS A 239 25.54 1.86 -20.70
N LYS A 240 25.47 0.86 -19.82
CA LYS A 240 25.45 -0.53 -20.28
C LYS A 240 24.17 -0.83 -21.06
N ALA A 241 23.05 -0.22 -20.67
CA ALA A 241 21.80 -0.42 -21.40
C ALA A 241 21.87 0.13 -22.82
N ILE A 242 22.23 1.41 -22.96
CA ILE A 242 22.19 2.05 -24.28
C ILE A 242 23.28 1.59 -25.23
N ARG A 243 24.24 0.79 -24.75
CA ARG A 243 25.24 0.24 -25.66
C ARG A 243 24.66 -0.82 -26.57
N ASN A 244 23.52 -1.42 -26.20
CA ASN A 244 22.90 -2.44 -27.03
C ASN A 244 22.19 -1.87 -28.24
N LYS A 245 22.49 -2.31 -29.46
CA LYS A 245 21.85 -1.66 -30.63
C LYS A 245 20.33 -1.90 -30.58
N GLU A 246 19.91 -3.14 -30.32
CA GLU A 246 18.46 -3.32 -30.21
C GLU A 246 17.72 -2.46 -29.21
N TRP A 247 18.33 -2.21 -28.04
CA TRP A 247 17.75 -1.31 -27.06
C TRP A 247 17.55 0.09 -27.65
N ARG A 248 18.57 0.59 -28.35
CA ARG A 248 18.47 1.93 -28.93
C ARG A 248 17.39 2.01 -30.00
N ASP A 249 17.08 0.90 -30.68
CA ASP A 249 15.98 0.91 -31.65
C ASP A 249 14.61 0.75 -30.99
N SER A 250 14.56 0.45 -29.70
CA SER A 250 13.30 0.16 -29.05
C SER A 250 12.62 1.44 -28.56
N VAL A 251 11.34 1.30 -28.18
CA VAL A 251 10.60 2.41 -27.62
C VAL A 251 11.16 2.79 -26.25
N TYR A 252 11.89 1.88 -25.61
CA TYR A 252 12.38 2.11 -24.26
C TYR A 252 13.65 2.94 -24.22
N TYR A 253 14.29 3.16 -25.38
CA TYR A 253 15.49 4.00 -25.44
C TYR A 253 15.26 5.34 -24.75
N ILE A 254 14.10 5.96 -25.00
CA ILE A 254 13.81 7.28 -24.44
C ILE A 254 13.77 7.22 -22.92
N ASN A 255 13.38 6.09 -22.34
CA ASN A 255 13.37 5.95 -20.89
C ASN A 255 14.78 6.07 -20.34
N SER A 256 15.75 5.41 -20.98
CA SER A 256 17.14 5.51 -20.56
C SER A 256 17.65 6.95 -20.72
N LEU A 257 17.41 7.55 -21.89
CA LEU A 257 17.84 8.92 -22.14
C LEU A 257 17.28 9.86 -21.07
N TYR A 258 16.02 9.66 -20.68
CA TYR A 258 15.42 10.47 -19.64
C TYR A 258 16.09 10.22 -18.30
N MET A 259 16.31 8.95 -17.95
CA MET A 259 17.00 8.63 -16.71
C MET A 259 18.41 9.20 -16.68
N PHE A 260 19.09 9.25 -17.84
CA PHE A 260 20.38 9.90 -17.93
C PHE A 260 20.27 11.38 -17.58
N LEU A 261 19.42 12.11 -18.30
CA LEU A 261 19.25 13.55 -18.07
C LEU A 261 18.90 13.83 -16.62
N LYS A 262 17.96 13.07 -16.05
CA LYS A 262 17.56 13.33 -14.67
C LYS A 262 18.72 13.13 -13.70
N GLU A 263 19.49 12.05 -13.88
CA GLU A 263 20.59 11.78 -12.97
C GLU A 263 21.74 12.74 -13.18
N LEU A 264 21.99 13.13 -14.42
CA LEU A 264 23.01 14.15 -14.68
C LEU A 264 22.60 15.46 -14.00
N TYR A 265 21.31 15.79 -14.03
CA TYR A 265 20.83 16.99 -13.36
C TYR A 265 21.03 16.91 -11.85
N LYS A 266 20.71 15.77 -11.24
CA LYS A 266 20.84 15.66 -9.79
C LYS A 266 22.27 15.92 -9.32
N ILE A 267 23.26 15.40 -10.06
CA ILE A 267 24.64 15.57 -9.65
C ILE A 267 25.29 16.84 -10.21
N GLY A 268 24.54 17.64 -10.97
CA GLY A 268 25.07 18.90 -11.46
C GLY A 268 25.93 18.80 -12.69
N ASP A 269 26.06 17.62 -13.31
CA ASP A 269 26.86 17.47 -14.53
C ASP A 269 26.09 17.96 -15.76
N VAL A 270 25.79 19.26 -15.74
CA VAL A 270 25.00 19.86 -16.81
C VAL A 270 25.72 19.84 -18.15
N ASN A 271 27.05 19.76 -18.16
CA ASN A 271 27.79 19.79 -19.43
C ASN A 271 27.61 18.55 -20.26
N LYS A 272 27.18 17.43 -19.67
CA LYS A 272 27.01 16.20 -20.43
C LYS A 272 25.58 15.97 -20.90
N MET A 273 24.65 16.82 -20.50
CA MET A 273 23.25 16.70 -20.89
C MET A 273 23.00 17.03 -22.37
N PRO A 274 23.64 18.06 -22.95
CA PRO A 274 23.42 18.32 -24.38
C PRO A 274 23.66 17.11 -25.27
N TYR A 275 24.61 16.26 -24.90
CA TYR A 275 24.86 15.04 -25.67
C TYR A 275 23.63 14.15 -25.69
N TYR A 276 23.06 13.87 -24.52
CA TYR A 276 21.89 13.00 -24.42
C TYR A 276 20.63 13.72 -24.88
N TYR A 277 20.51 15.03 -24.64
CA TYR A 277 19.35 15.76 -25.11
C TYR A 277 19.25 15.70 -26.62
N LYS A 278 20.40 15.83 -27.30
CA LYS A 278 20.43 15.67 -28.75
C LYS A 278 19.94 14.29 -29.16
N LYS A 279 20.18 13.28 -28.31
CA LYS A 279 19.68 11.95 -28.62
C LYS A 279 18.17 11.84 -28.47
N THR A 280 17.58 12.54 -27.50
CA THR A 280 16.12 12.52 -27.36
C THR A 280 15.43 13.10 -28.58
N LYS A 281 15.97 14.20 -29.12
CA LYS A 281 15.38 14.80 -30.33
C LYS A 281 15.39 13.83 -31.50
N GLU A 282 16.46 13.04 -31.62
CA GLU A 282 16.52 12.05 -32.69
C GLU A 282 15.52 10.91 -32.46
N TYR A 283 15.27 10.56 -31.19
CA TYR A 283 14.23 9.58 -30.89
C TYR A 283 12.85 10.13 -31.24
N PHE A 284 12.53 11.33 -30.75
CA PHE A 284 11.21 11.90 -31.00
C PHE A 284 10.98 12.16 -32.48
N LYS A 285 12.05 12.33 -33.26
CA LYS A 285 11.91 12.47 -34.70
C LYS A 285 11.32 11.23 -35.34
N ARG A 286 11.59 10.05 -34.76
CA ARG A 286 11.14 8.79 -35.33
C ARG A 286 9.94 8.21 -34.59
N LYS A 287 9.79 8.50 -33.31
CA LYS A 287 8.70 7.92 -32.52
C LYS A 287 8.03 9.00 -31.67
N GLU A 288 6.71 8.89 -31.53
CA GLU A 288 5.96 9.79 -30.66
C GLU A 288 5.88 9.20 -29.27
N ASN A 289 6.14 10.04 -28.26
CA ASN A 289 6.08 9.58 -26.88
C ASN A 289 5.84 10.84 -26.04
N LYS A 290 4.58 11.23 -25.91
CA LYS A 290 4.26 12.49 -25.25
C LYS A 290 4.51 12.41 -23.76
N VAL A 291 4.40 11.21 -23.18
CA VAL A 291 4.65 11.04 -21.76
C VAL A 291 6.09 11.40 -21.43
N TYR A 292 7.04 10.83 -22.17
CA TYR A 292 8.44 11.10 -21.92
C TYR A 292 8.88 12.42 -22.53
N GLU A 293 8.15 12.93 -23.52
CA GLU A 293 8.35 14.31 -23.94
C GLU A 293 8.14 15.27 -22.78
N ALA A 294 7.01 15.12 -22.09
CA ALA A 294 6.72 15.95 -20.92
C ALA A 294 7.79 15.76 -19.83
N LYS A 295 8.18 14.51 -19.59
CA LYS A 295 9.14 14.24 -18.52
C LYS A 295 10.51 14.85 -18.82
N ILE A 296 10.97 14.73 -20.07
CA ILE A 296 12.24 15.34 -20.45
C ILE A 296 12.11 16.87 -20.43
N ASN A 297 10.96 17.39 -20.87
CA ASN A 297 10.72 18.84 -20.83
C ASN A 297 10.84 19.37 -19.42
N ILE A 298 10.35 18.62 -18.43
CA ILE A 298 10.46 19.06 -17.04
C ILE A 298 11.92 19.15 -16.63
N ILE A 299 12.73 18.15 -17.00
CA ILE A 299 14.14 18.18 -16.67
C ILE A 299 14.78 19.41 -17.29
N TYR A 300 14.50 19.63 -18.57
CA TYR A 300 15.00 20.80 -19.29
C TYR A 300 14.48 22.10 -18.67
N GLY A 301 13.21 22.12 -18.27
CA GLY A 301 12.66 23.29 -17.62
C GLY A 301 13.36 23.63 -16.31
N LEU A 302 13.91 22.63 -15.63
CA LEU A 302 14.69 22.88 -14.43
C LEU A 302 16.01 23.57 -14.74
N LEU A 303 16.50 23.46 -15.98
CA LEU A 303 17.70 24.16 -16.39
C LEU A 303 17.43 25.58 -16.87
N GLN A 304 16.17 25.91 -17.15
CA GLN A 304 15.84 27.26 -17.60
C GLN A 304 16.18 28.25 -16.49
N GLN A 305 16.71 29.40 -16.90
CA GLN A 305 17.14 30.42 -15.94
C GLN A 305 16.02 31.39 -15.58
N ASP A 306 15.10 31.66 -16.51
CA ASP A 306 13.94 32.47 -16.18
C ASP A 306 13.02 31.68 -15.26
N GLN A 307 12.89 32.16 -14.01
CA GLN A 307 11.98 31.56 -13.04
C GLN A 307 10.59 31.31 -13.62
N ARG A 308 9.98 32.36 -14.19
CA ARG A 308 8.61 32.23 -14.67
C ARG A 308 8.50 31.17 -15.76
N LYS A 309 9.39 31.18 -16.75
CA LYS A 309 9.38 30.15 -17.78
C LYS A 309 9.63 28.77 -17.20
N SER A 310 10.61 28.65 -16.30
CA SER A 310 10.93 27.37 -15.68
C SER A 310 9.71 26.73 -15.05
N ILE A 311 8.98 27.49 -14.23
CA ILE A 311 7.84 26.93 -13.50
C ILE A 311 6.70 26.57 -14.46
N GLU A 312 6.47 27.38 -15.49
CA GLU A 312 5.40 27.06 -16.43
C GLU A 312 5.70 25.79 -17.20
N THR A 313 6.98 25.54 -17.51
CA THR A 313 7.36 24.29 -18.15
C THR A 313 7.10 23.10 -17.23
N CYS A 314 7.44 23.24 -15.94
CA CYS A 314 7.18 22.16 -14.98
C CYS A 314 5.68 21.95 -14.79
N ARG A 315 4.91 23.04 -14.78
CA ARG A 315 3.46 22.93 -14.64
C ARG A 315 2.83 22.24 -15.84
N GLY A 316 3.30 22.57 -17.04
CA GLY A 316 2.77 21.94 -18.23
C GLY A 316 3.06 20.45 -18.29
N GLY A 317 4.29 20.06 -17.95
CA GLY A 317 4.63 18.65 -17.96
C GLY A 317 3.94 17.86 -16.88
N ILE A 318 3.89 18.41 -15.65
CA ILE A 318 3.24 17.73 -14.54
C ILE A 318 1.74 17.58 -14.81
N SER A 319 1.10 18.66 -15.27
CA SER A 319 -0.32 18.61 -15.52
C SER A 319 -0.65 17.62 -16.65
N TYR A 320 0.21 17.54 -17.67
CA TYR A 320 -0.02 16.55 -18.71
C TYR A 320 0.11 15.13 -18.18
N LEU A 321 1.01 14.91 -17.21
CA LEU A 321 1.18 13.58 -16.65
C LEU A 321 -0.04 13.17 -15.82
N TYR A 322 -0.68 14.14 -15.15
CA TYR A 322 -1.96 13.88 -14.51
C TYR A 322 -3.00 13.43 -15.53
N GLU A 323 -2.98 14.05 -16.71
CA GLU A 323 -4.00 13.82 -17.72
C GLU A 323 -3.95 12.38 -18.24
N VAL A 324 -2.76 11.82 -18.39
CA VAL A 324 -2.61 10.46 -18.89
C VAL A 324 -2.49 9.47 -17.75
N ASN A 325 -2.72 9.94 -16.51
CA ASN A 325 -2.80 9.08 -15.33
C ASN A 325 -1.48 8.41 -14.99
N ASP A 326 -0.35 9.04 -15.35
CA ASP A 326 0.97 8.54 -14.94
C ASP A 326 1.36 9.19 -13.61
N LEU A 327 0.70 8.75 -12.54
CA LEU A 327 0.88 9.38 -11.24
C LEU A 327 2.24 9.09 -10.64
N ASP A 328 2.85 7.95 -10.99
CA ASP A 328 4.19 7.67 -10.50
C ASP A 328 5.20 8.69 -11.01
N SER A 329 5.03 9.14 -12.26
CA SER A 329 5.90 10.18 -12.79
C SER A 329 5.60 11.53 -12.13
N VAL A 330 4.33 11.82 -11.86
CA VAL A 330 3.99 13.05 -11.14
C VAL A 330 4.67 13.05 -9.77
N PHE A 331 4.52 11.96 -9.02
CA PHE A 331 5.17 11.85 -7.71
C PHE A 331 6.69 12.03 -7.83
N ASP A 332 7.31 11.31 -8.76
CA ASP A 332 8.77 11.34 -8.90
C ASP A 332 9.26 12.74 -9.26
N LEU A 333 8.73 13.31 -10.34
CA LEU A 333 9.24 14.58 -10.84
C LEU A 333 8.83 15.75 -9.96
N SER A 334 7.67 15.67 -9.30
CA SER A 334 7.29 16.75 -8.38
C SER A 334 8.27 16.86 -7.22
N LEU A 335 8.76 15.72 -6.73
CA LEU A 335 9.80 15.75 -5.71
C LEU A 335 11.07 16.39 -6.25
N VAL A 336 11.40 16.11 -7.52
CA VAL A 336 12.59 16.71 -8.12
C VAL A 336 12.40 18.21 -8.30
N ILE A 337 11.23 18.62 -8.80
CA ILE A 337 10.95 20.05 -8.94
C ILE A 337 10.93 20.73 -7.58
N SER A 338 10.29 20.11 -6.59
CA SER A 338 10.20 20.71 -5.27
C SER A 338 11.58 20.92 -4.67
N GLU A 339 12.44 19.90 -4.74
CA GLU A 339 13.82 20.04 -4.27
C GLU A 339 14.55 21.14 -5.03
N HIS A 340 14.34 21.22 -6.35
CA HIS A 340 14.99 22.25 -7.15
C HIS A 340 14.61 23.64 -6.66
N CYS A 341 13.30 23.89 -6.51
CA CYS A 341 12.84 25.18 -6.00
C CYS A 341 13.37 25.44 -4.59
N GLU A 342 13.37 24.40 -3.74
CA GLU A 342 13.87 24.56 -2.38
C GLU A 342 15.31 25.06 -2.39
N LYS A 343 16.17 24.48 -3.24
CA LYS A 343 17.56 24.91 -3.26
C LYS A 343 17.69 26.36 -3.75
N HIS A 344 16.73 26.84 -4.52
CA HIS A 344 16.78 28.19 -5.04
C HIS A 344 15.95 29.16 -4.22
N GLY A 345 15.50 28.75 -3.03
CA GLY A 345 14.76 29.63 -2.14
C GLY A 345 13.36 29.96 -2.59
N LEU A 346 12.83 29.29 -3.61
CA LEU A 346 11.48 29.55 -4.10
C LEU A 346 10.53 28.61 -3.35
N TYR A 347 10.27 28.97 -2.09
CA TYR A 347 9.56 28.07 -1.20
C TYR A 347 8.08 27.96 -1.57
N LYS A 348 7.47 29.02 -2.10
CA LYS A 348 6.09 28.92 -2.54
C LYS A 348 5.94 27.87 -3.63
N GLU A 349 6.85 27.85 -4.60
CA GLU A 349 6.79 26.88 -5.68
C GLU A 349 7.24 25.50 -5.22
N ALA A 350 8.22 25.43 -4.31
CA ALA A 350 8.61 24.14 -3.75
C ALA A 350 7.44 23.47 -3.07
N LEU A 351 6.64 24.25 -2.34
CA LEU A 351 5.43 23.73 -1.72
C LEU A 351 4.41 23.33 -2.77
N GLU A 352 4.28 24.13 -3.85
CA GLU A 352 3.30 23.83 -4.89
C GLU A 352 3.51 22.45 -5.48
N PHE A 353 4.76 22.05 -5.69
CA PHE A 353 5.05 20.73 -6.23
C PHE A 353 5.24 19.67 -5.16
N SER A 354 5.59 20.08 -3.93
CA SER A 354 5.45 19.19 -2.78
C SER A 354 4.02 18.70 -2.65
N LYS A 355 3.04 19.60 -2.88
CA LYS A 355 1.63 19.21 -2.77
C LYS A 355 1.25 18.26 -3.90
N HIS A 356 1.74 18.52 -5.12
CA HIS A 356 1.52 17.59 -6.22
C HIS A 356 2.04 16.20 -5.90
N ALA A 357 3.15 16.11 -5.16
CA ALA A 357 3.71 14.80 -4.86
C ALA A 357 2.80 14.02 -3.91
N ILE A 358 2.23 14.69 -2.90
CA ILE A 358 1.30 14.05 -1.99
C ILE A 358 0.04 13.63 -2.75
N LEU A 359 -0.53 14.55 -3.54
CA LEU A 359 -1.74 14.24 -4.29
C LEU A 359 -1.56 13.02 -5.20
N ALA A 360 -0.49 13.03 -6.00
CA ALA A 360 -0.21 11.89 -6.88
C ALA A 360 -0.07 10.59 -6.09
N GLU A 361 0.61 10.64 -4.94
CA GLU A 361 0.85 9.43 -4.18
C GLU A 361 -0.43 8.93 -3.52
N GLU A 362 -1.25 9.85 -2.98
CA GLU A 362 -2.51 9.44 -2.37
C GLU A 362 -3.47 8.88 -3.41
N LYS A 363 -3.54 9.50 -4.59
CA LYS A 363 -4.41 8.97 -5.65
C LYS A 363 -3.88 7.64 -6.16
N MET A 364 -2.55 7.49 -6.24
CA MET A 364 -1.96 6.20 -6.63
C MET A 364 -2.34 5.11 -5.65
N ARG A 365 -2.42 5.45 -4.37
CA ARG A 365 -2.76 4.48 -3.34
C ARG A 365 -4.27 4.21 -3.32
N HIS A 366 -5.05 5.05 -3.97
CA HIS A 366 -6.50 4.93 -3.96
C HIS A 366 -6.95 4.06 -5.12
N LEU A 367 -8.09 3.40 -4.94
CA LEU A 367 -8.66 2.54 -5.98
C LEU A 367 -10.14 2.89 -6.13
N GLU A 368 -10.38 4.14 -6.52
CA GLU A 368 -11.72 4.74 -6.48
C GLU A 368 -12.67 4.09 -7.47
N GLY A 369 -12.17 3.17 -8.27
CA GLY A 369 -13.02 2.38 -9.13
C GLY A 369 -13.30 1.00 -8.58
N LEU A 370 -12.32 0.41 -7.90
CA LEU A 370 -12.46 -0.95 -7.37
C LEU A 370 -11.65 -1.12 -6.08
N ALA B 10 -8.17 -25.98 32.62
CA ALA B 10 -7.63 -25.78 31.25
C ALA B 10 -8.82 -25.65 30.32
N ASN B 11 -9.83 -26.49 30.48
CA ASN B 11 -11.07 -26.27 29.74
C ASN B 11 -11.67 -24.92 30.09
N ILE B 12 -11.61 -24.54 31.37
CA ILE B 12 -12.04 -23.20 31.76
C ILE B 12 -11.22 -22.15 31.04
N LEU B 13 -9.91 -22.39 30.92
CA LEU B 13 -9.06 -21.48 30.17
C LEU B 13 -9.51 -21.40 28.71
N ASN B 14 -9.84 -22.55 28.12
CA ASN B 14 -10.28 -22.56 26.72
C ASN B 14 -11.61 -21.84 26.57
N ASP B 15 -12.55 -22.05 27.51
CA ASP B 15 -13.81 -21.32 27.46
C ASP B 15 -13.58 -19.82 27.61
N TRP B 16 -12.67 -19.44 28.50
CA TRP B 16 -12.33 -18.03 28.67
C TRP B 16 -11.78 -17.45 27.38
N TYR B 17 -10.91 -18.19 26.69
CA TYR B 17 -10.38 -17.70 25.43
C TYR B 17 -11.47 -17.64 24.36
N ILE B 18 -12.43 -18.56 24.40
CA ILE B 18 -13.57 -18.48 23.49
C ILE B 18 -14.33 -17.17 23.69
N ALA B 19 -14.56 -16.80 24.95
CA ALA B 19 -15.24 -15.54 25.25
C ALA B 19 -14.43 -14.35 24.78
N ILE B 20 -13.10 -14.42 24.88
CA ILE B 20 -12.24 -13.38 24.33
C ILE B 20 -12.35 -13.34 22.81
N LYS B 21 -12.38 -14.52 22.18
CA LYS B 21 -12.52 -14.59 20.73
C LYS B 21 -13.89 -14.14 20.25
N GLN B 22 -14.87 -14.08 21.15
CA GLN B 22 -16.18 -13.50 20.85
C GLN B 22 -16.29 -12.04 21.25
N GLN B 23 -15.23 -11.46 21.84
CA GLN B 23 -15.25 -10.10 22.37
C GLN B 23 -16.34 -9.90 23.41
N ASP B 24 -16.73 -10.97 24.09
CA ASP B 24 -17.67 -10.89 25.21
C ASP B 24 -16.86 -10.55 26.46
N ALA B 25 -16.74 -9.26 26.75
CA ALA B 25 -15.98 -8.84 27.93
C ALA B 25 -16.67 -9.24 29.23
N GLU B 26 -18.00 -9.32 29.23
CA GLU B 26 -18.71 -9.72 30.44
C GLU B 26 -18.42 -11.17 30.80
N SER B 27 -18.51 -12.07 29.82
CA SER B 27 -18.09 -13.45 30.06
C SER B 27 -16.61 -13.51 30.45
N ALA B 28 -15.76 -12.81 29.69
CA ALA B 28 -14.32 -12.82 29.95
C ALA B 28 -13.99 -12.47 31.40
N GLU B 29 -14.62 -11.41 31.93
CA GLU B 29 -14.33 -11.02 33.30
C GLU B 29 -14.85 -12.03 34.31
N ARG B 30 -15.90 -12.77 33.96
CA ARG B 30 -16.39 -13.79 34.88
C ARG B 30 -15.46 -14.99 34.89
N TYR B 31 -14.96 -15.39 33.72
CA TYR B 31 -13.95 -16.45 33.66
C TYR B 31 -12.69 -16.07 34.42
N PHE B 32 -12.23 -14.83 34.22
CA PHE B 32 -11.03 -14.37 34.91
C PHE B 32 -11.19 -14.45 36.42
N GLU B 33 -12.37 -14.06 36.93
CA GLU B 33 -12.61 -14.13 38.38
C GLU B 33 -12.74 -15.56 38.87
N GLU B 34 -13.29 -16.45 38.06
CA GLU B 34 -13.51 -17.83 38.49
C GLU B 34 -12.25 -18.68 38.40
N VAL B 35 -11.37 -18.37 37.45
CA VAL B 35 -10.17 -19.17 37.26
C VAL B 35 -9.04 -18.74 38.19
N LYS B 36 -9.11 -17.52 38.75
CA LYS B 36 -8.06 -17.03 39.65
C LYS B 36 -7.84 -17.93 40.86
N PRO B 37 -8.87 -18.42 41.57
CA PRO B 37 -8.59 -19.39 42.65
C PRO B 37 -7.95 -20.68 42.17
N LEU B 38 -8.37 -21.17 41.00
CA LEU B 38 -7.73 -22.35 40.42
C LEU B 38 -6.24 -22.12 40.13
N PHE B 39 -5.78 -20.87 40.15
CA PHE B 39 -4.40 -20.51 39.90
C PHE B 39 -3.83 -19.68 41.04
N ASP B 40 -4.19 -20.04 42.28
CA ASP B 40 -3.59 -19.42 43.46
C ASP B 40 -2.64 -20.44 44.07
N GLU B 41 -1.44 -20.50 43.48
CA GLU B 41 -0.39 -21.42 43.89
C GLU B 41 -0.87 -22.87 43.90
N MET B 42 -1.92 -23.16 43.12
CA MET B 42 -2.55 -24.46 43.10
C MET B 42 -2.10 -25.26 41.88
N GLU B 43 -2.59 -24.86 40.70
CA GLU B 43 -2.30 -25.57 39.47
C GLU B 43 -0.78 -25.70 39.29
N GLU B 44 -0.36 -26.90 38.87
CA GLU B 44 1.05 -27.27 38.82
C GLU B 44 1.63 -27.31 37.41
N ASP B 45 0.87 -27.80 36.42
CA ASP B 45 1.36 -27.95 35.06
C ASP B 45 1.87 -26.62 34.49
N GLN B 46 3.15 -26.59 34.11
CA GLN B 46 3.76 -25.34 33.67
C GLN B 46 3.14 -24.79 32.40
N GLU B 47 2.80 -25.67 31.44
CA GLU B 47 2.15 -25.18 30.23
C GLU B 47 0.77 -24.58 30.53
N VAL B 48 0.07 -25.13 31.52
CA VAL B 48 -1.20 -24.53 31.92
C VAL B 48 -0.97 -23.18 32.61
N LEU B 49 0.11 -23.09 33.40
CA LEU B 49 0.46 -21.82 34.04
C LEU B 49 0.89 -20.78 33.01
N MET B 50 1.59 -21.21 31.96
CA MET B 50 1.91 -20.31 30.85
C MET B 50 0.64 -19.91 30.11
N TYR B 51 -0.25 -20.87 29.85
CA TYR B 51 -1.53 -20.57 29.23
C TYR B 51 -2.31 -19.55 30.04
N TYR B 52 -2.36 -19.72 31.37
CA TYR B 52 -3.06 -18.75 32.21
C TYR B 52 -2.36 -17.39 32.17
N SER B 53 -1.03 -17.39 32.12
CA SER B 53 -0.30 -16.13 32.05
C SER B 53 -0.54 -15.43 30.72
N LEU B 54 -0.61 -16.20 29.63
CA LEU B 54 -0.87 -15.61 28.31
C LEU B 54 -2.31 -15.09 28.22
N LEU B 55 -3.26 -15.83 28.78
CA LEU B 55 -4.66 -15.41 28.71
C LEU B 55 -4.92 -14.19 29.59
N GLU B 56 -4.15 -14.02 30.66
CA GLU B 56 -4.31 -12.83 31.49
C GLU B 56 -3.90 -11.57 30.73
N GLU B 57 -2.81 -11.66 29.95
CA GLU B 57 -2.43 -10.56 29.07
C GLU B 57 -3.50 -10.31 28.02
N ARG B 58 -3.92 -11.38 27.33
CA ARG B 58 -4.92 -11.26 26.28
C ARG B 58 -6.20 -10.63 26.80
N HIS B 59 -6.62 -11.01 28.01
CA HIS B 59 -7.81 -10.45 28.62
C HIS B 59 -7.68 -8.96 28.85
N LYS B 60 -6.52 -8.51 29.33
CA LYS B 60 -6.28 -7.08 29.51
C LYS B 60 -6.33 -6.35 28.17
N MET B 61 -5.79 -6.96 27.11
CA MET B 61 -5.88 -6.34 25.80
C MET B 61 -7.32 -6.26 25.32
N LEU B 62 -8.13 -7.28 25.63
CA LEU B 62 -9.55 -7.25 25.31
C LEU B 62 -10.25 -6.10 26.03
N LEU B 63 -10.04 -5.99 27.34
CA LEU B 63 -10.68 -4.93 28.11
C LEU B 63 -10.27 -3.56 27.59
N TYR B 64 -9.04 -3.41 27.14
CA TYR B 64 -8.61 -2.17 26.51
C TYR B 64 -9.30 -1.98 25.16
N GLN B 65 -9.35 -3.03 24.35
CA GLN B 65 -9.90 -2.91 22.99
C GLN B 65 -11.37 -2.51 22.99
N VAL B 66 -12.18 -3.15 23.84
CA VAL B 66 -13.62 -3.04 23.75
C VAL B 66 -14.23 -2.15 24.82
N LYS B 67 -13.65 -2.08 26.03
CA LYS B 67 -14.15 -1.26 27.10
C LYS B 67 -13.36 0.03 27.28
N GLY B 68 -12.24 0.20 26.57
CA GLY B 68 -11.40 1.37 26.74
C GLY B 68 -10.79 1.50 28.12
N GLU B 69 -10.53 0.38 28.78
CA GLU B 69 -9.83 0.39 30.06
C GLU B 69 -8.32 0.42 29.84
N GLU B 70 -7.62 1.20 30.66
CA GLU B 70 -6.18 1.39 30.49
C GLU B 70 -5.45 0.06 30.59
N LEU B 71 -4.40 -0.07 29.78
CA LEU B 71 -3.56 -1.26 29.84
C LEU B 71 -2.63 -1.19 31.06
N PRO B 72 -2.48 -2.29 31.78
CA PRO B 72 -1.58 -2.28 32.93
C PRO B 72 -0.19 -1.88 32.52
N PRO B 73 0.63 -1.20 33.37
CA PRO B 73 2.01 -0.88 32.97
C PRO B 73 2.86 -2.16 32.95
N HIS B 74 2.46 -3.17 33.71
CA HIS B 74 3.24 -4.43 33.81
C HIS B 74 2.71 -5.46 32.82
N SER B 75 3.55 -5.85 31.86
CA SER B 75 3.16 -6.92 30.91
C SER B 75 4.02 -8.16 31.17
N TYR B 76 3.44 -9.35 30.99
CA TYR B 76 4.22 -10.61 31.13
C TYR B 76 5.19 -10.65 29.97
N PHE B 77 4.94 -9.84 28.95
CA PHE B 77 5.86 -9.76 27.79
C PHE B 77 7.02 -8.81 28.10
N ASN B 78 6.94 -8.01 29.17
CA ASN B 78 8.10 -7.17 29.45
C ASN B 78 9.36 -8.00 29.68
N GLU B 79 9.20 -9.21 30.24
CA GLU B 79 10.35 -10.06 30.55
C GLU B 79 10.24 -11.50 30.06
N ASN B 80 9.15 -11.90 29.40
CA ASN B 80 9.01 -13.25 28.87
C ASN B 80 8.87 -13.16 27.36
N HIS B 81 9.86 -13.68 26.64
CA HIS B 81 9.88 -13.57 25.20
C HIS B 81 9.96 -14.94 24.54
N THR B 88 5.68 -26.55 25.55
CA THR B 88 6.09 -26.58 24.15
C THR B 88 4.94 -26.99 23.26
N ASP B 89 3.74 -27.11 23.85
CA ASP B 89 2.55 -27.40 23.08
C ASP B 89 2.49 -26.47 21.88
N HIS B 90 2.28 -27.06 20.69
CA HIS B 90 2.23 -26.26 19.47
C HIS B 90 1.15 -25.18 19.53
N MET B 91 0.16 -25.35 20.41
CA MET B 91 -0.86 -24.32 20.62
C MET B 91 -0.32 -23.18 21.48
N ILE B 92 0.31 -23.52 22.60
CA ILE B 92 0.83 -22.49 23.51
C ILE B 92 1.93 -21.67 22.82
N GLU B 93 2.63 -22.26 21.85
CA GLU B 93 3.63 -21.49 21.11
C GLU B 93 2.96 -20.55 20.11
N TYR B 94 1.93 -21.02 19.40
CA TYR B 94 1.12 -20.13 18.57
C TYR B 94 0.54 -18.99 19.39
N TYR B 95 -0.02 -19.32 20.56
CA TYR B 95 -0.59 -18.30 21.43
C TYR B 95 0.48 -17.33 21.90
N PHE B 96 1.64 -17.83 22.28
CA PHE B 96 2.69 -16.95 22.79
C PHE B 96 3.15 -15.96 21.72
N PHE B 97 3.31 -16.43 20.47
CA PHE B 97 3.74 -15.55 19.40
C PHE B 97 2.63 -14.61 18.96
N LEU B 98 1.39 -15.09 18.91
CA LEU B 98 0.28 -14.23 18.53
C LEU B 98 0.06 -13.13 19.56
N PHE B 99 0.01 -13.50 20.86
CA PHE B 99 -0.28 -12.50 21.88
C PHE B 99 0.87 -11.51 22.03
N GLU B 100 2.11 -11.93 21.73
CA GLU B 100 3.21 -10.97 21.74
C GLU B 100 3.19 -10.05 20.52
N ALA B 101 2.77 -10.58 19.36
CA ALA B 101 2.58 -9.73 18.20
C ALA B 101 1.58 -8.60 18.51
N LEU B 102 0.52 -8.92 19.26
CA LEU B 102 -0.43 -7.88 19.65
C LEU B 102 0.20 -6.87 20.60
N TYR B 103 1.03 -7.35 21.53
CA TYR B 103 1.67 -6.43 22.47
C TYR B 103 2.63 -5.48 21.74
N GLU B 104 3.39 -6.00 20.78
CA GLU B 104 4.30 -5.15 20.02
C GLU B 104 3.54 -4.28 19.02
N SER B 105 2.44 -4.79 18.47
CA SER B 105 1.64 -4.00 17.55
C SER B 105 1.05 -2.79 18.25
N HIS B 106 0.57 -2.96 19.48
CA HIS B 106 0.01 -1.82 20.20
C HIS B 106 1.07 -0.78 20.54
N LYS B 107 2.31 -1.20 20.73
CA LYS B 107 3.41 -0.30 21.02
C LYS B 107 4.04 0.29 19.77
N ARG B 108 3.41 0.09 18.61
CA ARG B 108 3.90 0.59 17.33
C ARG B 108 5.29 0.06 16.99
N ASN B 109 5.67 -1.07 17.57
CA ASN B 109 6.90 -1.78 17.18
C ASN B 109 6.55 -2.78 16.08
N PHE B 110 6.24 -2.23 14.91
CA PHE B 110 5.65 -3.03 13.86
C PHE B 110 6.65 -4.01 13.23
N GLU B 111 7.94 -3.67 13.24
CA GLU B 111 8.96 -4.59 12.76
C GLU B 111 8.90 -5.92 13.51
N LYS B 112 8.96 -5.86 14.84
CA LYS B 112 8.88 -7.09 15.63
C LYS B 112 7.52 -7.77 15.48
N ALA B 113 6.44 -6.99 15.52
CA ALA B 113 5.09 -7.54 15.37
C ALA B 113 4.94 -8.37 14.10
N ILE B 114 5.42 -7.83 12.97
CA ILE B 114 5.30 -8.55 11.70
C ILE B 114 6.02 -9.89 11.79
N THR B 115 7.22 -9.90 12.37
CA THR B 115 7.96 -11.15 12.55
C THR B 115 7.20 -12.12 13.44
N LEU B 116 6.72 -11.63 14.60
CA LEU B 116 5.97 -12.48 15.51
C LEU B 116 4.68 -12.99 14.87
N PHE B 117 4.07 -12.19 14.00
CA PHE B 117 2.86 -12.65 13.30
C PHE B 117 3.18 -13.76 12.32
N LYS B 118 4.27 -13.60 11.55
CA LYS B 118 4.62 -14.60 10.54
C LYS B 118 4.95 -15.95 11.17
N ILE B 119 5.58 -15.94 12.36
CA ILE B 119 5.82 -17.20 13.06
C ILE B 119 4.51 -17.83 13.47
N ALA B 120 3.59 -17.03 14.01
CA ALA B 120 2.28 -17.55 14.41
C ALA B 120 1.50 -18.05 13.20
N GLU B 121 1.60 -17.35 12.06
CA GLU B 121 0.92 -17.80 10.86
C GLU B 121 1.42 -19.16 10.41
N LYS B 122 2.73 -19.40 10.52
CA LYS B 122 3.29 -20.71 10.14
C LYS B 122 2.70 -21.82 11.00
N LYS B 123 2.70 -21.62 12.32
CA LYS B 123 2.12 -22.60 13.23
C LYS B 123 0.63 -22.80 12.99
N LEU B 124 -0.06 -21.76 12.53
CA LEU B 124 -1.50 -21.84 12.30
C LEU B 124 -1.86 -22.89 11.25
N LYS B 125 -0.91 -23.27 10.39
CA LYS B 125 -1.14 -24.37 9.47
C LYS B 125 -1.54 -25.66 10.18
N ASP B 126 -1.18 -25.80 11.46
CA ASP B 126 -1.49 -27.00 12.22
C ASP B 126 -2.63 -26.78 13.22
N ILE B 127 -3.32 -25.64 13.14
CA ILE B 127 -4.49 -25.37 13.96
C ILE B 127 -5.71 -25.36 13.04
N PRO B 128 -6.64 -26.28 13.20
CA PRO B 128 -7.77 -26.38 12.26
C PRO B 128 -9.01 -25.62 12.69
N ASP B 129 -9.01 -24.99 13.86
CA ASP B 129 -10.19 -24.30 14.35
C ASP B 129 -10.45 -23.08 13.49
N CYS B 130 -11.63 -23.04 12.86
CA CYS B 130 -11.97 -21.95 11.96
C CYS B 130 -12.06 -20.61 12.67
N ILE B 131 -12.58 -20.61 13.90
CA ILE B 131 -12.68 -19.36 14.64
C ILE B 131 -11.29 -18.86 15.00
N GLU B 132 -10.38 -19.77 15.37
CA GLU B 132 -9.01 -19.39 15.63
C GLU B 132 -8.34 -18.78 14.41
N ARG B 133 -8.56 -19.37 13.24
CA ARG B 133 -8.02 -18.82 12.00
C ARG B 133 -8.59 -17.44 11.71
N ALA B 134 -9.91 -17.29 11.86
CA ALA B 134 -10.52 -15.97 11.70
C ALA B 134 -9.99 -14.98 12.73
N GLU B 135 -9.73 -15.45 13.95
CA GLU B 135 -9.16 -14.59 14.99
C GLU B 135 -7.77 -14.10 14.59
N PHE B 136 -6.92 -15.01 14.09
CA PHE B 136 -5.58 -14.61 13.67
C PHE B 136 -5.65 -13.59 12.54
N TYR B 137 -6.36 -13.93 11.46
CA TYR B 137 -6.46 -13.05 10.30
C TYR B 137 -6.96 -11.66 10.70
N SER B 138 -7.87 -11.58 11.66
CA SER B 138 -8.42 -10.29 12.05
C SER B 138 -7.39 -9.45 12.83
N LYS B 139 -6.44 -10.12 13.50
CA LYS B 139 -5.40 -9.37 14.20
C LYS B 139 -4.29 -8.94 13.25
N VAL B 140 -3.95 -9.79 12.28
CA VAL B 140 -3.00 -9.40 11.26
C VAL B 140 -3.57 -8.28 10.41
N ALA B 141 -4.85 -8.38 10.05
CA ALA B 141 -5.49 -7.34 9.25
C ALA B 141 -5.50 -6.00 9.99
N SER B 142 -5.73 -6.04 11.30
CA SER B 142 -5.73 -4.81 12.09
C SER B 142 -4.38 -4.11 12.06
N MET B 143 -3.30 -4.86 12.25
CA MET B 143 -1.96 -4.26 12.23
C MET B 143 -1.64 -3.70 10.85
N TYR B 144 -1.91 -4.47 9.79
CA TYR B 144 -1.64 -3.98 8.44
C TYR B 144 -2.46 -2.73 8.11
N MET B 145 -3.71 -2.68 8.60
CA MET B 145 -4.50 -1.47 8.44
C MET B 145 -3.87 -0.29 9.20
N MET B 146 -3.27 -0.54 10.38
CA MET B 146 -2.58 0.54 11.08
CA MET B 146 -2.58 0.53 11.08
C MET B 146 -1.43 1.12 10.27
N LEU B 147 -0.89 0.35 9.32
CA LEU B 147 0.16 0.81 8.42
C LEU B 147 -0.39 1.31 7.10
N ARG B 148 -1.71 1.43 6.98
CA ARG B 148 -2.41 1.75 5.73
C ARG B 148 -2.02 0.79 4.62
N GLN B 149 -1.69 -0.45 4.98
CA GLN B 149 -1.52 -1.53 4.00
C GLN B 149 -2.90 -2.14 3.77
N SER B 150 -3.68 -1.44 2.94
CA SER B 150 -5.13 -1.65 2.90
C SER B 150 -5.50 -2.94 2.18
N LEU B 151 -4.89 -3.22 1.02
CA LEU B 151 -5.25 -4.42 0.27
C LEU B 151 -4.85 -5.68 1.03
N ILE B 152 -3.65 -5.70 1.61
CA ILE B 152 -3.23 -6.83 2.43
C ILE B 152 -4.21 -7.02 3.59
N SER B 153 -4.55 -5.92 4.27
CA SER B 153 -5.49 -6.01 5.39
C SER B 153 -6.84 -6.53 4.94
N LEU B 154 -7.31 -6.11 3.75
CA LEU B 154 -8.61 -6.56 3.28
C LEU B 154 -8.63 -8.05 2.95
N ASN B 155 -7.58 -8.54 2.28
CA ASN B 155 -7.52 -9.97 1.98
C ASN B 155 -7.61 -10.79 3.25
N TYR B 156 -6.91 -10.38 4.31
CA TYR B 156 -7.00 -11.07 5.59
C TYR B 156 -8.39 -10.96 6.18
N ILE B 157 -8.88 -9.71 6.33
CA ILE B 157 -10.14 -9.50 7.03
C ILE B 157 -11.30 -10.12 6.26
N ASN B 158 -11.21 -10.17 4.92
CA ASN B 158 -12.29 -10.78 4.15
C ASN B 158 -12.45 -12.26 4.47
N ASP B 159 -11.35 -12.94 4.81
CA ASP B 159 -11.46 -14.32 5.26
C ASP B 159 -12.11 -14.39 6.63
N SER B 160 -11.73 -13.48 7.55
CA SER B 160 -12.36 -13.45 8.87
C SER B 160 -13.86 -13.22 8.78
N ILE B 161 -14.29 -12.30 7.91
CA ILE B 161 -15.71 -11.97 7.81
C ILE B 161 -16.51 -13.16 7.27
N GLN B 162 -15.96 -13.85 6.27
CA GLN B 162 -16.60 -15.05 5.73
C GLN B 162 -16.93 -16.03 6.86
N ILE B 163 -15.93 -16.30 7.71
CA ILE B 163 -16.10 -17.22 8.83
C ILE B 163 -17.10 -16.67 9.84
N TYR B 164 -16.95 -15.41 10.21
CA TYR B 164 -17.82 -14.84 11.24
C TYR B 164 -19.28 -14.81 10.82
N ARG B 165 -19.55 -14.53 9.53
CA ARG B 165 -20.94 -14.49 9.08
C ARG B 165 -21.60 -15.85 9.09
N GLU B 166 -20.83 -16.93 8.96
CA GLU B 166 -21.40 -18.27 8.85
C GLU B 166 -21.44 -19.00 10.18
N ASN B 167 -21.08 -18.33 11.27
CA ASN B 167 -21.08 -18.96 12.57
C ASN B 167 -21.75 -18.05 13.57
N GLU B 168 -22.49 -18.63 14.50
CA GLU B 168 -23.28 -17.89 15.46
C GLU B 168 -22.47 -17.57 16.70
N GLY B 169 -22.71 -16.39 17.28
CA GLY B 169 -22.01 -15.93 18.45
C GLY B 169 -20.89 -14.96 18.18
N TYR B 170 -20.66 -14.60 16.91
CA TYR B 170 -19.54 -13.75 16.53
C TYR B 170 -20.03 -12.48 15.85
N LYS B 171 -21.15 -11.95 16.34
CA LYS B 171 -21.68 -10.71 15.79
C LYS B 171 -20.84 -9.51 16.19
N ARG B 172 -20.30 -9.51 17.41
CA ARG B 172 -19.40 -8.44 17.82
C ARG B 172 -18.12 -8.49 17.01
N LYS B 173 -17.67 -9.71 16.67
CA LYS B 173 -16.46 -9.85 15.86
C LYS B 173 -16.71 -9.45 14.41
N LEU B 174 -17.92 -9.76 13.89
CA LEU B 174 -18.28 -9.27 12.57
C LEU B 174 -18.29 -7.75 12.51
N ALA B 175 -18.87 -7.12 13.53
CA ALA B 175 -18.91 -5.66 13.58
C ALA B 175 -17.51 -5.05 13.62
N THR B 176 -16.68 -5.51 14.56
CA THR B 176 -15.30 -5.04 14.63
C THR B 176 -14.58 -5.24 13.30
N SER B 177 -14.78 -6.39 12.66
CA SER B 177 -14.13 -6.65 11.38
C SER B 177 -14.59 -5.66 10.31
N LEU B 178 -15.88 -5.33 10.32
CA LEU B 178 -16.39 -4.36 9.35
C LEU B 178 -15.75 -2.99 9.51
N MET B 179 -15.36 -2.62 10.73
CA MET B 179 -14.65 -1.36 10.94
C MET B 179 -13.27 -1.39 10.31
N ILE B 180 -12.60 -2.55 10.33
CA ILE B 180 -11.32 -2.68 9.65
C ILE B 180 -11.51 -2.57 8.14
N VAL B 181 -12.54 -3.26 7.61
CA VAL B 181 -12.86 -3.14 6.19
C VAL B 181 -13.11 -1.68 5.82
N GLY B 182 -13.95 -0.99 6.60
CA GLY B 182 -14.28 0.39 6.28
C GLY B 182 -13.06 1.29 6.25
N GLN B 183 -12.20 1.17 7.27
CA GLN B 183 -10.97 1.96 7.29
C GLN B 183 -10.10 1.61 6.09
N ASN B 184 -9.99 0.32 5.77
CA ASN B 184 -9.25 -0.09 4.57
C ASN B 184 -9.86 0.57 3.33
N TYR B 185 -11.19 0.59 3.24
CA TYR B 185 -11.84 1.26 2.12
C TYR B 185 -11.54 2.75 2.14
N THR B 186 -11.61 3.37 3.32
CA THR B 186 -11.29 4.79 3.43
C THR B 186 -9.86 5.07 3.00
N ASP B 187 -8.91 4.22 3.43
CA ASP B 187 -7.53 4.35 2.97
C ASP B 187 -7.39 4.13 1.47
N LEU B 188 -8.38 3.52 0.83
CA LEU B 188 -8.39 3.33 -0.62
C LEU B 188 -9.24 4.37 -1.34
N GLY B 189 -9.72 5.40 -0.64
CA GLY B 189 -10.57 6.38 -1.27
C GLY B 189 -11.96 5.91 -1.58
N LEU B 190 -12.40 4.80 -0.98
CA LEU B 190 -13.73 4.24 -1.23
C LEU B 190 -14.64 4.57 -0.06
N TYR B 191 -15.01 5.85 0.01
CA TYR B 191 -15.67 6.39 1.20
C TYR B 191 -17.11 5.91 1.32
N GLU B 192 -17.80 5.72 0.19
CA GLU B 192 -19.18 5.22 0.26
C GLU B 192 -19.22 3.79 0.78
N LYS B 193 -18.39 2.91 0.21
CA LYS B 193 -18.31 1.55 0.72
C LYS B 193 -17.81 1.54 2.16
N ALA B 194 -16.95 2.49 2.52
CA ALA B 194 -16.48 2.58 3.90
C ALA B 194 -17.64 2.94 4.82
N GLU B 195 -18.50 3.86 4.41
CA GLU B 195 -19.66 4.21 5.21
C GLU B 195 -20.60 3.02 5.37
N GLU B 196 -20.88 2.32 4.26
CA GLU B 196 -21.76 1.16 4.33
C GLU B 196 -21.28 0.16 5.37
N SER B 197 -19.97 -0.12 5.39
CA SER B 197 -19.43 -1.09 6.34
C SER B 197 -19.67 -0.63 7.78
N PHE B 198 -19.41 0.64 8.07
CA PHE B 198 -19.61 1.13 9.43
C PHE B 198 -21.10 1.12 9.80
N LEU B 199 -21.97 1.46 8.84
CA LEU B 199 -23.40 1.44 9.12
C LEU B 199 -23.89 0.03 9.43
N GLU B 200 -23.44 -0.96 8.67
CA GLU B 200 -23.76 -2.35 9.01
C GLU B 200 -23.26 -2.71 10.41
N ALA B 201 -22.06 -2.26 10.76
CA ALA B 201 -21.56 -2.50 12.11
C ALA B 201 -22.44 -1.82 13.15
N ILE B 202 -22.95 -0.62 12.84
CA ILE B 202 -23.81 0.11 13.77
C ILE B 202 -25.11 -0.65 14.01
N ARG B 203 -25.76 -1.11 12.93
CA ARG B 203 -26.96 -1.93 13.08
C ARG B 203 -26.72 -3.11 14.00
N ILE B 204 -25.59 -3.82 13.80
CA ILE B 204 -25.28 -4.98 14.62
C ILE B 204 -25.21 -4.61 16.10
N SER B 205 -24.56 -3.49 16.41
CA SER B 205 -24.36 -3.10 17.80
C SER B 205 -25.66 -2.64 18.45
N ARG B 206 -26.57 -2.05 17.68
CA ARG B 206 -27.87 -1.68 18.23
C ARG B 206 -28.75 -2.91 18.46
N VAL B 207 -28.72 -3.86 17.52
CA VAL B 207 -29.34 -5.16 17.75
C VAL B 207 -28.79 -5.80 19.01
N LEU B 208 -27.47 -5.76 19.19
CA LEU B 208 -26.83 -6.28 20.39
C LEU B 208 -27.13 -5.44 21.62
N HIS B 209 -27.67 -4.23 21.45
CA HIS B 209 -27.93 -3.31 22.55
C HIS B 209 -26.64 -2.94 23.28
N ASP B 210 -25.56 -2.76 22.53
CA ASP B 210 -24.25 -2.44 23.09
C ASP B 210 -23.97 -0.97 22.75
N SER B 211 -24.41 -0.08 23.63
CA SER B 211 -24.36 1.36 23.34
C SER B 211 -22.93 1.89 23.43
N LEU B 212 -22.08 1.28 24.25
CA LEU B 212 -20.67 1.66 24.24
C LEU B 212 -20.02 1.30 22.92
N PHE B 213 -20.27 0.08 22.44
CA PHE B 213 -19.78 -0.33 21.12
C PHE B 213 -20.32 0.59 20.04
N THR B 214 -21.60 0.95 20.12
CA THR B 214 -22.19 1.86 19.15
C THR B 214 -21.47 3.20 19.14
N ALA B 215 -21.16 3.73 20.32
CA ALA B 215 -20.36 4.95 20.41
C ALA B 215 -18.99 4.76 19.77
N LEU B 216 -18.34 3.63 20.06
CA LEU B 216 -17.04 3.36 19.48
C LEU B 216 -17.10 3.34 17.96
N ILE B 217 -18.13 2.71 17.39
CA ILE B 217 -18.21 2.62 15.94
C ILE B 217 -18.47 4.00 15.33
N HIS B 218 -19.28 4.83 16.01
CA HIS B 218 -19.54 6.18 15.52
C HIS B 218 -18.25 7.00 15.48
N HIS B 219 -17.43 6.90 16.53
CA HIS B 219 -16.13 7.58 16.53
C HIS B 219 -15.30 7.17 15.31
N ASN B 220 -15.20 5.86 15.05
CA ASN B 220 -14.36 5.41 13.94
C ASN B 220 -14.96 5.84 12.60
N LEU B 221 -16.28 5.79 12.47
CA LEU B 221 -16.94 6.30 11.28
C LEU B 221 -16.61 7.77 11.04
N SER B 222 -16.48 8.55 12.13
CA SER B 222 -16.13 9.96 11.99
C SER B 222 -14.78 10.13 11.28
N ILE B 223 -13.88 9.16 11.41
CA ILE B 223 -12.61 9.21 10.68
C ILE B 223 -12.88 9.10 9.18
N THR B 224 -13.81 8.23 8.79
CA THR B 224 -14.12 8.06 7.37
C THR B 224 -14.78 9.31 6.79
N TYR B 225 -15.76 9.87 7.50
CA TYR B 225 -16.39 11.11 7.05
C TYR B 225 -15.36 12.24 6.94
N SER B 226 -14.48 12.36 7.94
CA SER B 226 -13.44 13.38 7.89
C SER B 226 -12.55 13.19 6.67
N ALA B 227 -12.15 11.95 6.39
CA ALA B 227 -11.35 11.69 5.20
C ALA B 227 -12.12 12.00 3.93
N ALA B 228 -13.44 11.92 3.96
CA ALA B 228 -14.26 12.24 2.79
C ALA B 228 -14.64 13.73 2.75
N ASN B 229 -14.06 14.55 3.62
CA ASN B 229 -14.38 15.97 3.75
C ASN B 229 -15.86 16.20 4.05
N ARG B 230 -16.51 15.20 4.66
CA ARG B 230 -17.90 15.34 5.11
C ARG B 230 -17.88 15.75 6.58
N SER B 231 -17.55 17.03 6.79
CA SER B 231 -17.17 17.50 8.12
C SER B 231 -18.33 17.51 9.10
N GLN B 232 -19.52 17.95 8.66
CA GLN B 232 -20.67 17.95 9.57
C GLN B 232 -21.09 16.54 9.94
N ASP B 233 -21.09 15.62 8.98
CA ASP B 233 -21.31 14.22 9.31
C ASP B 233 -20.25 13.72 10.28
N CYS B 234 -18.99 14.11 10.08
CA CYS B 234 -17.92 13.73 11.00
C CYS B 234 -18.20 14.25 12.40
N ILE B 235 -18.58 15.52 12.51
CA ILE B 235 -18.87 16.11 13.82
C ILE B 235 -20.11 15.47 14.43
N ASN B 236 -21.13 15.23 13.62
CA ASN B 236 -22.36 14.59 14.12
C ASN B 236 -22.08 13.19 14.63
N ALA B 237 -21.24 12.43 13.93
CA ALA B 237 -20.87 11.10 14.40
C ALA B 237 -20.12 11.17 15.73
N LEU B 238 -19.21 12.14 15.86
CA LEU B 238 -18.49 12.31 17.12
C LEU B 238 -19.45 12.69 18.24
N LYS B 239 -20.46 13.52 17.93
CA LYS B 239 -21.43 13.90 18.95
C LYS B 239 -22.19 12.70 19.48
N LYS B 240 -22.55 11.76 18.59
CA LYS B 240 -23.26 10.56 19.03
C LYS B 240 -22.37 9.68 19.90
N ALA B 241 -21.07 9.63 19.60
CA ALA B 241 -20.14 8.87 20.42
C ALA B 241 -20.04 9.46 21.83
N ILE B 242 -19.77 10.77 21.90
CA ILE B 242 -19.54 11.41 23.20
C ILE B 242 -20.81 11.53 24.02
N ARG B 243 -21.97 11.21 23.45
CA ARG B 243 -23.20 11.16 24.25
C ARG B 243 -23.19 9.99 25.21
N ASN B 244 -22.41 8.96 24.92
CA ASN B 244 -22.31 7.79 25.78
C ASN B 244 -21.37 8.08 26.95
N LYS B 245 -21.85 7.86 28.17
CA LYS B 245 -21.05 8.16 29.36
C LYS B 245 -19.83 7.24 29.47
N GLU B 246 -20.01 5.94 29.20
CA GLU B 246 -18.88 5.01 29.27
C GLU B 246 -17.77 5.42 28.31
N TRP B 247 -18.14 5.87 27.11
CA TRP B 247 -17.14 6.35 26.15
C TRP B 247 -16.34 7.52 26.72
N ARG B 248 -17.03 8.49 27.32
CA ARG B 248 -16.34 9.67 27.86
C ARG B 248 -15.42 9.30 29.01
N ASP B 249 -15.75 8.24 29.74
CA ASP B 249 -14.89 7.78 30.84
C ASP B 249 -13.77 6.87 30.37
N SER B 250 -13.75 6.48 29.10
CA SER B 250 -12.77 5.55 28.57
C SER B 250 -11.51 6.27 28.11
N VAL B 251 -10.47 5.49 27.82
CA VAL B 251 -9.23 6.06 27.29
C VAL B 251 -9.42 6.67 25.92
N TYR B 252 -10.48 6.30 25.21
CA TYR B 252 -10.71 6.74 23.85
C TYR B 252 -11.43 8.08 23.76
N TYR B 253 -11.93 8.60 24.90
CA TYR B 253 -12.56 9.91 24.92
C TYR B 253 -11.67 10.95 24.26
N ILE B 254 -10.38 10.92 24.58
CA ILE B 254 -9.45 11.91 24.04
C ILE B 254 -9.38 11.83 22.53
N ASN B 255 -9.56 10.64 21.96
CA ASN B 255 -9.56 10.53 20.50
C ASN B 255 -10.71 11.32 19.90
N SER B 256 -11.90 11.24 20.51
CA SER B 256 -13.03 12.04 20.03
C SER B 256 -12.76 13.53 20.17
N LEU B 257 -12.28 13.95 21.35
CA LEU B 257 -11.96 15.36 21.56
C LEU B 257 -10.96 15.86 20.52
N TYR B 258 -9.96 15.04 20.18
CA TYR B 258 -8.98 15.46 19.18
C TYR B 258 -9.61 15.58 17.79
N MET B 259 -10.41 14.60 17.39
CA MET B 259 -11.10 14.68 16.10
C MET B 259 -12.06 15.86 16.03
N PHE B 260 -12.65 16.23 17.17
CA PHE B 260 -13.49 17.42 17.22
C PHE B 260 -12.68 18.66 16.86
N LEU B 261 -11.60 18.91 17.61
CA LEU B 261 -10.75 20.08 17.40
C LEU B 261 -10.25 20.16 15.96
N LYS B 262 -9.79 19.03 15.41
CA LYS B 262 -9.22 19.03 14.07
C LYS B 262 -10.29 19.34 13.02
N GLU B 263 -11.47 18.75 13.15
CA GLU B 263 -12.54 19.06 12.20
C GLU B 263 -13.06 20.47 12.39
N LEU B 264 -13.15 20.93 13.64
CA LEU B 264 -13.55 22.31 13.90
C LEU B 264 -12.54 23.29 13.31
N TYR B 265 -11.25 23.01 13.47
CA TYR B 265 -10.24 23.89 12.90
C TYR B 265 -10.27 23.83 11.37
N LYS B 266 -10.46 22.64 10.80
CA LYS B 266 -10.50 22.50 9.35
C LYS B 266 -11.55 23.41 8.73
N ILE B 267 -12.74 23.46 9.32
CA ILE B 267 -13.84 24.26 8.78
C ILE B 267 -13.85 25.67 9.34
N GLY B 268 -12.89 26.04 10.17
CA GLY B 268 -12.77 27.40 10.65
C GLY B 268 -13.68 27.77 11.79
N ASP B 269 -14.41 26.83 12.35
CA ASP B 269 -15.28 27.09 13.51
C ASP B 269 -14.44 27.11 14.79
N VAL B 270 -13.47 28.04 14.83
CA VAL B 270 -12.54 28.14 15.94
C VAL B 270 -13.23 28.56 17.23
N ASN B 271 -14.41 29.18 17.14
CA ASN B 271 -15.10 29.66 18.33
C ASN B 271 -15.61 28.51 19.20
N LYS B 272 -15.74 27.31 18.63
CA LYS B 272 -16.16 26.15 19.40
C LYS B 272 -14.99 25.29 19.89
N MET B 273 -13.76 25.62 19.49
CA MET B 273 -12.60 24.81 19.86
C MET B 273 -12.20 24.94 21.33
N PRO B 274 -12.19 26.13 21.93
CA PRO B 274 -11.88 26.20 23.39
C PRO B 274 -12.78 25.31 24.23
N TYR B 275 -14.03 25.11 23.80
CA TYR B 275 -14.96 24.25 24.52
C TYR B 275 -14.42 22.81 24.61
N TYR B 276 -14.05 22.23 23.46
CA TYR B 276 -13.54 20.86 23.47
C TYR B 276 -12.12 20.81 24.03
N TYR B 277 -11.32 21.85 23.81
CA TYR B 277 -9.97 21.88 24.38
C TYR B 277 -9.99 21.79 25.90
N LYS B 278 -10.89 22.53 26.55
CA LYS B 278 -10.97 22.49 28.01
C LYS B 278 -11.30 21.09 28.54
N LYS B 279 -12.09 20.33 27.79
CA LYS B 279 -12.40 18.96 28.19
C LYS B 279 -11.17 18.06 28.05
N THR B 280 -10.29 18.37 27.09
CA THR B 280 -9.06 17.60 26.97
C THR B 280 -8.21 17.75 28.22
N LYS B 281 -8.18 18.96 28.78
CA LYS B 281 -7.46 19.18 30.04
C LYS B 281 -8.04 18.33 31.15
N GLU B 282 -9.37 18.19 31.18
CA GLU B 282 -10.00 17.36 32.21
C GLU B 282 -9.70 15.88 32.00
N TYR B 283 -9.57 15.44 30.75
CA TYR B 283 -9.16 14.07 30.48
C TYR B 283 -7.73 13.85 30.96
N PHE B 284 -6.80 14.71 30.54
CA PHE B 284 -5.41 14.58 30.93
C PHE B 284 -5.19 14.75 32.43
N LYS B 285 -6.12 15.40 33.13
CA LYS B 285 -6.02 15.48 34.58
C LYS B 285 -6.09 14.10 35.23
N ARG B 286 -6.86 13.17 34.65
CA ARG B 286 -7.01 11.83 35.22
C ARG B 286 -6.30 10.72 34.46
N LYS B 287 -6.11 10.86 33.15
CA LYS B 287 -5.51 9.80 32.33
C LYS B 287 -4.38 10.37 31.50
N GLU B 288 -3.28 9.63 31.44
CA GLU B 288 -2.09 10.05 30.70
C GLU B 288 -2.09 9.43 29.31
N ASN B 289 -1.80 10.25 28.30
CA ASN B 289 -1.79 9.82 26.90
C ASN B 289 -0.92 10.81 26.13
N LYS B 290 0.39 10.54 26.10
CA LYS B 290 1.34 11.52 25.58
C LYS B 290 1.21 11.70 24.07
N VAL B 291 0.77 10.67 23.35
CA VAL B 291 0.60 10.80 21.91
C VAL B 291 -0.48 11.83 21.58
N TYR B 292 -1.64 11.74 22.23
CA TYR B 292 -2.74 12.66 21.96
C TYR B 292 -2.56 14.00 22.63
N GLU B 293 -1.77 14.07 23.70
CA GLU B 293 -1.36 15.36 24.24
C GLU B 293 -0.57 16.15 23.19
N ALA B 294 0.42 15.50 22.56
CA ALA B 294 1.15 16.14 21.48
C ALA B 294 0.21 16.51 20.33
N LYS B 295 -0.70 15.60 19.96
CA LYS B 295 -1.58 15.87 18.83
C LYS B 295 -2.53 17.04 19.13
N ILE B 296 -3.10 17.07 20.35
CA ILE B 296 -3.99 18.17 20.72
C ILE B 296 -3.21 19.47 20.83
N ASN B 297 -2.00 19.43 21.40
CA ASN B 297 -1.18 20.62 21.48
C ASN B 297 -0.89 21.18 20.10
N ILE B 298 -0.68 20.32 19.11
CA ILE B 298 -0.41 20.78 17.76
C ILE B 298 -1.63 21.52 17.18
N ILE B 299 -2.81 20.91 17.30
CA ILE B 299 -4.02 21.50 16.75
C ILE B 299 -4.33 22.83 17.44
N TYR B 300 -4.43 22.82 18.76
CA TYR B 300 -4.83 24.03 19.46
C TYR B 300 -3.77 25.13 19.34
N GLY B 301 -2.49 24.75 19.35
CA GLY B 301 -1.41 25.71 19.17
C GLY B 301 -1.46 26.45 17.85
N LEU B 302 -2.12 25.89 16.84
CA LEU B 302 -2.27 26.59 15.55
C LEU B 302 -3.10 27.86 15.69
N LEU B 303 -3.85 27.99 16.79
CA LEU B 303 -4.64 29.19 17.05
C LEU B 303 -3.82 30.31 17.67
N GLN B 304 -2.61 30.04 18.16
CA GLN B 304 -1.80 31.09 18.79
C GLN B 304 -1.43 32.17 17.80
N GLN B 307 3.00 33.09 16.12
CA GLN B 307 3.34 32.40 14.88
C GLN B 307 4.54 31.49 15.12
N ARG B 308 5.66 32.10 15.51
CA ARG B 308 6.86 31.35 15.81
C ARG B 308 6.65 30.40 16.99
N LYS B 309 5.92 30.86 18.01
CA LYS B 309 5.55 29.97 19.10
C LYS B 309 4.75 28.78 18.58
N SER B 310 3.80 29.03 17.69
CA SER B 310 3.04 27.96 17.07
C SER B 310 3.95 26.93 16.40
N ILE B 311 4.91 27.40 15.61
CA ILE B 311 5.77 26.49 14.86
C ILE B 311 6.66 25.69 15.81
N GLU B 312 7.14 26.33 16.89
CA GLU B 312 7.99 25.61 17.83
C GLU B 312 7.21 24.51 18.56
N THR B 313 5.95 24.78 18.91
CA THR B 313 5.11 23.75 19.52
C THR B 313 4.82 22.63 18.53
N CYS B 314 4.54 22.98 17.27
CA CYS B 314 4.30 21.96 16.25
C CYS B 314 5.53 21.10 16.03
N ARG B 315 6.73 21.70 16.07
CA ARG B 315 7.94 20.92 15.88
C ARG B 315 8.15 19.94 17.04
N GLY B 316 7.87 20.36 18.27
CA GLY B 316 7.99 19.45 19.40
C GLY B 316 7.01 18.30 19.32
N GLY B 317 5.76 18.59 18.95
CA GLY B 317 4.77 17.54 18.86
C GLY B 317 5.06 16.57 17.73
N ILE B 318 5.44 17.08 16.56
CA ILE B 318 5.79 16.22 15.44
C ILE B 318 6.98 15.35 15.80
N SER B 319 7.97 15.93 16.48
CA SER B 319 9.17 15.19 16.85
C SER B 319 8.85 14.05 17.80
N TYR B 320 7.94 14.28 18.76
CA TYR B 320 7.56 13.20 19.67
C TYR B 320 6.83 12.08 18.94
N LEU B 321 6.02 12.43 17.93
CA LEU B 321 5.26 11.44 17.20
C LEU B 321 6.15 10.60 16.30
N TYR B 322 7.21 11.20 15.73
CA TYR B 322 8.23 10.39 15.07
C TYR B 322 8.87 9.42 16.05
N GLU B 323 9.11 9.88 17.29
CA GLU B 323 9.85 9.09 18.26
C GLU B 323 9.09 7.83 18.66
N VAL B 324 7.76 7.93 18.81
CA VAL B 324 6.95 6.79 19.23
C VAL B 324 6.38 6.08 18.01
N ASN B 325 6.84 6.48 16.82
CA ASN B 325 6.52 5.79 15.56
C ASN B 325 5.03 5.90 15.20
N ASP B 326 4.39 7.00 15.60
CA ASP B 326 3.01 7.27 15.18
C ASP B 326 3.04 8.08 13.88
N LEU B 327 3.44 7.39 12.80
CA LEU B 327 3.66 8.05 11.53
C LEU B 327 2.36 8.50 10.87
N ASP B 328 1.25 7.81 11.15
CA ASP B 328 -0.04 8.24 10.61
C ASP B 328 -0.45 9.60 11.16
N SER B 329 -0.15 9.87 12.43
CA SER B 329 -0.44 11.18 13.00
C SER B 329 0.49 12.25 12.43
N VAL B 330 1.77 11.90 12.25
CA VAL B 330 2.70 12.84 11.61
C VAL B 330 2.19 13.21 10.22
N PHE B 331 1.83 12.20 9.42
CA PHE B 331 1.25 12.46 8.11
C PHE B 331 0.02 13.35 8.21
N ASP B 332 -0.91 13.01 9.10
CA ASP B 332 -2.15 13.77 9.19
C ASP B 332 -1.88 15.22 9.57
N LEU B 333 -1.17 15.42 10.69
CA LEU B 333 -1.01 16.77 11.22
C LEU B 333 -0.04 17.60 10.40
N SER B 334 0.94 16.97 9.75
CA SER B 334 1.86 17.73 8.90
C SER B 334 1.13 18.37 7.73
N LEU B 335 0.11 17.69 7.20
CA LEU B 335 -0.73 18.30 6.18
C LEU B 335 -1.49 19.50 6.72
N VAL B 336 -1.97 19.41 7.97
CA VAL B 336 -2.73 20.51 8.56
C VAL B 336 -1.83 21.70 8.85
N ILE B 337 -0.65 21.44 9.42
CA ILE B 337 0.30 22.53 9.68
C ILE B 337 0.71 23.19 8.37
N SER B 338 0.98 22.38 7.34
CA SER B 338 1.40 22.93 6.05
C SER B 338 0.33 23.84 5.47
N GLU B 339 -0.93 23.39 5.45
CA GLU B 339 -2.01 24.23 4.99
C GLU B 339 -2.12 25.51 5.80
N HIS B 340 -1.94 25.41 7.12
CA HIS B 340 -1.97 26.58 7.98
C HIS B 340 -0.88 27.58 7.60
N CYS B 341 0.37 27.11 7.50
CA CYS B 341 1.46 28.01 7.11
C CYS B 341 1.26 28.59 5.71
N GLU B 342 0.81 27.75 4.76
CA GLU B 342 0.56 28.25 3.40
C GLU B 342 -0.39 29.43 3.41
N LYS B 343 -1.49 29.33 4.16
CA LYS B 343 -2.51 30.35 4.22
C LYS B 343 -2.00 31.64 4.86
N HIS B 344 -0.97 31.56 5.69
CA HIS B 344 -0.38 32.71 6.35
C HIS B 344 0.89 33.20 5.66
N GLY B 345 1.16 32.73 4.43
CA GLY B 345 2.33 33.16 3.69
C GLY B 345 3.65 32.62 4.17
N LEU B 346 3.65 31.65 5.09
CA LEU B 346 4.90 31.04 5.58
C LEU B 346 5.22 29.79 4.76
N TYR B 347 5.72 30.03 3.55
CA TYR B 347 5.89 28.94 2.58
C TYR B 347 7.04 28.03 2.95
N LYS B 348 8.13 28.59 3.51
CA LYS B 348 9.25 27.77 3.93
C LYS B 348 8.82 26.77 4.99
N GLU B 349 8.02 27.21 5.96
CA GLU B 349 7.55 26.33 7.01
C GLU B 349 6.46 25.39 6.50
N ALA B 350 5.62 25.89 5.59
CA ALA B 350 4.63 25.03 4.94
C ALA B 350 5.30 23.88 4.20
N LEU B 351 6.36 24.18 3.45
CA LEU B 351 7.08 23.12 2.75
C LEU B 351 7.75 22.16 3.74
N GLU B 352 8.28 22.69 4.84
CA GLU B 352 8.95 21.84 5.83
C GLU B 352 8.01 20.76 6.36
N PHE B 353 6.75 21.12 6.62
CA PHE B 353 5.80 20.13 7.11
C PHE B 353 5.11 19.38 5.99
N SER B 354 5.04 19.97 4.80
CA SER B 354 4.73 19.19 3.61
C SER B 354 5.71 18.03 3.45
N LYS B 355 6.99 18.30 3.71
CA LYS B 355 8.01 17.25 3.60
C LYS B 355 7.89 16.22 4.72
N HIS B 356 7.56 16.66 5.94
CA HIS B 356 7.33 15.69 7.02
C HIS B 356 6.22 14.71 6.66
N ALA B 357 5.20 15.19 5.92
CA ALA B 357 4.10 14.31 5.54
C ALA B 357 4.56 13.26 4.53
N ILE B 358 5.39 13.65 3.57
CA ILE B 358 5.96 12.70 2.62
C ILE B 358 6.86 11.70 3.35
N LEU B 359 7.77 12.22 4.19
CA LEU B 359 8.67 11.35 4.93
C LEU B 359 7.91 10.35 5.79
N ALA B 360 6.93 10.84 6.56
CA ALA B 360 6.12 9.95 7.38
C ALA B 360 5.44 8.88 6.54
N GLU B 361 4.93 9.25 5.37
CA GLU B 361 4.21 8.29 4.55
C GLU B 361 5.14 7.27 3.92
N GLU B 362 6.27 7.73 3.38
CA GLU B 362 7.24 6.81 2.78
C GLU B 362 7.83 5.86 3.81
N LYS B 363 8.11 6.36 5.02
CA LYS B 363 8.61 5.50 6.08
C LYS B 363 7.56 4.48 6.50
N MET B 364 6.29 4.88 6.52
CA MET B 364 5.20 3.97 6.86
C MET B 364 5.13 2.78 5.90
N ARG B 365 5.34 3.04 4.61
CA ARG B 365 5.24 2.00 3.58
C ARG B 365 6.50 1.16 3.42
N HIS B 366 7.59 1.48 4.13
CA HIS B 366 8.87 0.80 3.85
C HIS B 366 9.00 -0.55 4.54
N LEU B 367 9.08 -0.57 5.87
CA LEU B 367 9.28 -1.83 6.60
C LEU B 367 10.44 -2.66 6.05
N GLU C 1 9.89 6.45 -11.16
CA GLU C 1 10.01 5.79 -12.46
C GLU C 1 9.61 4.32 -12.34
N ARG C 2 8.80 3.86 -13.29
CA ARG C 2 8.40 2.46 -13.30
C ARG C 2 9.28 1.65 -14.26
N PRO C 3 9.58 0.40 -13.94
CA PRO C 3 10.42 -0.41 -14.81
C PRO C 3 9.66 -0.89 -16.03
N VAL C 4 10.43 -1.32 -17.04
CA VAL C 4 9.87 -1.76 -18.31
C VAL C 4 10.11 -3.25 -18.46
N GLY C 5 9.29 -3.88 -19.31
CA GLY C 5 9.51 -5.26 -19.66
C GLY C 5 8.90 -6.28 -18.73
N THR C 6 8.07 -5.86 -17.78
CA THR C 6 7.48 -6.78 -16.82
C THR C 6 6.07 -7.15 -17.21
N GLU D 1 -5.73 9.62 10.87
CA GLU D 1 -6.16 9.05 12.15
C GLU D 1 -6.48 7.56 12.02
N ARG D 2 -6.00 6.76 12.98
CA ARG D 2 -6.29 5.34 12.94
C ARG D 2 -7.50 5.02 13.81
N PRO D 3 -8.32 4.04 13.41
CA PRO D 3 -9.50 3.70 14.19
C PRO D 3 -9.13 2.97 15.47
N VAL D 4 -10.09 2.95 16.39
CA VAL D 4 -9.90 2.38 17.71
C VAL D 4 -10.76 1.14 17.86
N GLY D 5 -10.35 0.23 18.74
CA GLY D 5 -11.16 -0.92 19.09
C GLY D 5 -10.99 -2.13 18.21
N THR D 6 -9.98 -2.15 17.34
CA THR D 6 -9.74 -3.27 16.44
C THR D 6 -8.64 -4.20 16.96
#